data_9HI1
#
_entry.id   9HI1
#
_cell.length_a   46.147
_cell.length_b   110.205
_cell.length_c   135.411
_cell.angle_alpha   90
_cell.angle_beta   90
_cell.angle_gamma   90
#
_symmetry.space_group_name_H-M   'P 21 21 21'
#
loop_
_entity.id
_entity.type
_entity.pdbx_description
1 polymer 'UDP-glucose 4-epimerase'
2 non-polymer 1,2-ETHANEDIOL
3 non-polymer NICOTINAMIDE-ADENINE-DINUCLEOTIDE
4 non-polymer 3-[(5-cyclobutyl-1,2-oxazol-3-yl)carbamoylamino]-~{N}-pyridin-4-yl-propanamide
5 water water
#
_entity_poly.entity_id   1
_entity_poly.type   'polypeptide(L)'
_entity_poly.pdbx_seq_one_letter_code
;AEKVLVTGGAGYIGSHTVLELLEAGYLPVVIDNFHNAFRGGGSLPESLRRVQELTGRSVEFEEMDILDQGALQRLFKKYS
FMAVIHFAGLKAVGESVQKPLDYYRVNLTGTIQLLEIMKAHGVKNLVFSSSATVYGNPQYLPLDEAHPTGGCTNPYGKSK
FFIEEMIRDLCQADKTWNAVLLRYFNPTGAHASGCIGEDPQGIPNNLMPYVSQVAIGRREALNVFGNDYDTEDGTGVRDY
IHVVDLAKGHIAALRKLKEQCGCRIYNLGTGTGYSVLQMVQAMEKASGKKIPYKVVARREGDVAACYANPSLAQEELGWT
AALGLDRMCEDLWRWQKQNPSGFG
;
_entity_poly.pdbx_strand_id   B,A
#
# COMPACT_ATOMS: atom_id res chain seq x y z
N GLU A 2 16.88 4.91 12.65
CA GLU A 2 17.83 4.14 11.79
C GLU A 2 17.18 3.85 10.43
N LYS A 3 18.02 3.57 9.44
CA LYS A 3 17.55 3.41 8.06
C LYS A 3 17.64 1.95 7.61
N VAL A 4 17.02 1.69 6.45
CA VAL A 4 17.06 0.36 5.84
C VAL A 4 17.84 0.49 4.53
N LEU A 5 18.95 -0.22 4.41
CA LEU A 5 19.67 -0.24 3.14
C LEU A 5 18.95 -1.19 2.18
N VAL A 6 18.74 -0.77 0.96
CA VAL A 6 18.22 -1.63 -0.09
C VAL A 6 19.26 -1.68 -1.19
N THR A 7 19.98 -2.80 -1.28
CA THR A 7 20.94 -2.93 -2.38
C THR A 7 20.18 -3.31 -3.65
N GLY A 8 20.64 -2.83 -4.79
CA GLY A 8 19.92 -3.11 -6.04
C GLY A 8 18.52 -2.52 -6.05
N GLY A 9 18.30 -1.43 -5.28
CA GLY A 9 16.98 -0.88 -5.11
C GLY A 9 16.41 -0.09 -6.28
N ALA A 10 17.20 0.15 -7.33
CA ALA A 10 16.68 0.82 -8.52
C ALA A 10 15.98 -0.15 -9.47
N GLY A 11 16.19 -1.47 -9.29
CA GLY A 11 15.69 -2.47 -10.20
C GLY A 11 14.24 -2.81 -9.99
N TYR A 12 13.81 -3.90 -10.60
CA TYR A 12 12.38 -4.22 -10.64
C TYR A 12 11.79 -4.48 -9.26
N ILE A 13 12.26 -5.55 -8.60
CA ILE A 13 11.69 -5.88 -7.31
C ILE A 13 12.10 -4.84 -6.25
N GLY A 14 13.34 -4.38 -6.32
CA GLY A 14 13.85 -3.41 -5.37
C GLY A 14 13.07 -2.10 -5.37
N SER A 15 12.72 -1.58 -6.54
CA SER A 15 12.00 -0.30 -6.58
C SER A 15 10.63 -0.46 -5.94
N HIS A 16 9.95 -1.59 -6.20
CA HIS A 16 8.66 -1.86 -5.58
C HIS A 16 8.82 -2.02 -4.08
N THR A 17 9.91 -2.60 -3.62
CA THR A 17 10.16 -2.79 -2.20
C THR A 17 10.47 -1.45 -1.53
N VAL A 18 11.22 -0.55 -2.18
CA VAL A 18 11.47 0.78 -1.65
C VAL A 18 10.12 1.48 -1.43
N LEU A 19 9.22 1.39 -2.40
CA LEU A 19 7.90 1.99 -2.23
C LEU A 19 7.22 1.38 -1.01
N GLU A 20 7.23 0.06 -0.86
CA GLU A 20 6.55 -0.57 0.28
C GLU A 20 7.23 -0.20 1.60
N LEU A 21 8.57 0.00 1.63
CA LEU A 21 9.23 0.47 2.85
C LEU A 21 8.66 1.82 3.25
N LEU A 22 8.54 2.74 2.30
CA LEU A 22 8.01 4.07 2.64
C LEU A 22 6.56 3.94 3.09
N GLU A 23 5.76 3.08 2.46
CA GLU A 23 4.37 2.91 2.86
C GLU A 23 4.28 2.35 4.27
N ALA A 24 5.27 1.60 4.72
CA ALA A 24 5.31 0.94 6.01
C ALA A 24 6.05 1.76 7.06
N GLY A 25 6.48 2.97 6.73
CA GLY A 25 7.08 3.85 7.74
C GLY A 25 8.59 3.70 7.95
N TYR A 26 9.31 3.07 7.02
CA TYR A 26 10.76 2.97 7.12
C TYR A 26 11.43 4.04 6.28
N LEU A 27 12.73 4.28 6.56
CA LEU A 27 13.55 5.25 5.87
C LEU A 27 14.55 4.53 4.96
N PRO A 28 14.36 4.52 3.63
CA PRO A 28 15.23 3.73 2.75
C PRO A 28 16.43 4.50 2.27
N VAL A 29 17.56 3.77 2.16
CA VAL A 29 18.72 4.25 1.44
C VAL A 29 19.01 3.20 0.39
N VAL A 30 19.12 3.61 -0.87
CA VAL A 30 19.31 2.66 -1.95
C VAL A 30 20.73 2.79 -2.48
N ILE A 31 21.37 1.65 -2.79
CA ILE A 31 22.56 1.67 -3.62
C ILE A 31 22.30 0.87 -4.88
N ASP A 32 22.87 1.29 -5.99
CA ASP A 32 22.71 0.59 -7.25
C ASP A 32 23.84 1.08 -8.16
N ASN A 33 24.30 0.24 -9.04
CA ASN A 33 25.33 0.62 -10.01
C ASN A 33 24.78 0.82 -11.40
N PHE A 34 23.47 0.76 -11.58
CA PHE A 34 22.81 0.92 -12.87
C PHE A 34 23.21 -0.13 -13.89
N HIS A 35 23.69 -1.30 -13.45
CA HIS A 35 23.93 -2.39 -14.39
C HIS A 35 22.66 -2.74 -15.16
N ASN A 36 21.51 -2.71 -14.46
CA ASN A 36 20.26 -3.12 -15.07
C ASN A 36 19.14 -2.24 -14.59
N ALA A 37 19.36 -0.91 -14.54
CA ALA A 37 18.31 0.02 -14.17
C ALA A 37 18.53 1.32 -14.95
N PHE A 38 17.47 2.08 -15.08
CA PHE A 38 17.46 3.29 -15.91
C PHE A 38 17.73 4.56 -15.07
N ARG A 39 18.66 5.37 -15.58
CA ARG A 39 18.98 6.66 -14.95
C ARG A 39 17.86 7.67 -15.22
N GLY A 40 17.49 8.44 -14.20
CA GLY A 40 16.59 9.57 -14.42
C GLY A 40 17.33 10.82 -14.90
N GLY A 41 16.56 11.86 -15.17
CA GLY A 41 17.13 13.12 -15.62
C GLY A 41 17.85 13.88 -14.54
N GLY A 42 17.69 13.52 -13.26
CA GLY A 42 18.47 14.04 -12.16
C GLY A 42 19.28 12.92 -11.54
N SER A 43 19.62 12.98 -10.26
N SER A 43 19.44 13.08 -10.23
CA SER A 43 20.48 11.96 -9.67
CA SER A 43 20.34 12.25 -9.45
C SER A 43 19.75 10.62 -9.54
C SER A 43 19.78 10.88 -9.10
N LEU A 44 18.47 10.68 -9.13
CA LEU A 44 17.81 9.41 -8.83
C LEU A 44 17.61 8.56 -10.06
N PRO A 45 17.62 7.23 -9.93
CA PRO A 45 17.05 6.35 -10.95
C PRO A 45 15.61 6.81 -11.21
N GLU A 46 15.19 6.68 -12.46
CA GLU A 46 13.81 7.04 -12.78
C GLU A 46 12.79 6.29 -11.92
N SER A 47 13.05 4.99 -11.66
CA SER A 47 12.09 4.24 -10.86
C SER A 47 11.89 4.92 -9.51
N LEU A 48 12.98 5.34 -8.88
CA LEU A 48 12.92 5.89 -7.54
C LEU A 48 12.41 7.35 -7.56
N ARG A 49 12.70 8.10 -8.61
CA ARG A 49 12.09 9.41 -8.76
C ARG A 49 10.57 9.27 -8.75
N ARG A 50 10.07 8.26 -9.46
CA ARG A 50 8.62 8.02 -9.48
C ARG A 50 8.10 7.51 -8.16
N VAL A 51 8.85 6.66 -7.46
CA VAL A 51 8.44 6.25 -6.12
C VAL A 51 8.26 7.46 -5.20
N GLN A 52 9.19 8.43 -5.29
CA GLN A 52 9.03 9.65 -4.48
C GLN A 52 7.70 10.34 -4.81
N GLU A 53 7.35 10.44 -6.08
CA GLU A 53 6.09 11.08 -6.43
C GLU A 53 4.90 10.28 -5.91
N LEU A 54 4.95 8.94 -6.01
CA LEU A 54 3.83 8.11 -5.60
C LEU A 54 3.58 8.20 -4.11
N THR A 55 4.63 8.32 -3.31
CA THR A 55 4.53 8.25 -1.85
C THR A 55 4.51 9.65 -1.21
N GLY A 56 5.05 10.64 -1.89
CA GLY A 56 5.27 11.94 -1.28
C GLY A 56 6.51 12.00 -0.38
N ARG A 57 7.36 10.96 -0.39
CA ARG A 57 8.49 10.87 0.51
C ARG A 57 9.81 10.77 -0.24
N SER A 58 10.90 11.14 0.40
CA SER A 58 12.26 11.10 -0.12
CA SER A 58 12.20 11.07 -0.25
C SER A 58 12.83 9.69 -0.09
N VAL A 59 13.65 9.40 -1.11
CA VAL A 59 14.48 8.18 -1.13
C VAL A 59 15.94 8.65 -1.17
N GLU A 60 16.80 8.21 -0.25
CA GLU A 60 18.22 8.53 -0.35
C GLU A 60 18.89 7.52 -1.27
N PHE A 61 19.83 7.97 -2.08
CA PHE A 61 20.37 7.10 -3.12
C PHE A 61 21.86 7.38 -3.27
N GLU A 62 22.65 6.33 -3.44
CA GLU A 62 24.08 6.42 -3.75
C GLU A 62 24.33 5.46 -4.91
N GLU A 63 24.93 5.95 -5.97
CA GLU A 63 25.37 5.12 -7.08
C GLU A 63 26.72 4.54 -6.70
N MET A 64 26.79 3.21 -6.56
CA MET A 64 28.01 2.53 -6.20
C MET A 64 27.86 1.05 -6.50
N ASP A 65 28.98 0.37 -6.48
CA ASP A 65 29.05 -1.07 -6.78
C ASP A 65 29.27 -1.83 -5.49
N ILE A 66 28.47 -2.87 -5.24
CA ILE A 66 28.67 -3.68 -4.06
C ILE A 66 30.03 -4.39 -4.05
N LEU A 67 30.69 -4.49 -5.18
CA LEU A 67 32.04 -5.05 -5.24
C LEU A 67 33.10 -4.07 -4.76
N ASP A 68 32.75 -2.81 -4.54
CA ASP A 68 33.73 -1.83 -4.10
C ASP A 68 33.71 -1.73 -2.57
N GLN A 69 34.71 -2.38 -1.95
CA GLN A 69 34.81 -2.44 -0.51
C GLN A 69 34.90 -1.04 0.14
N GLY A 70 35.75 -0.18 -0.45
CA GLY A 70 35.94 1.14 0.10
C GLY A 70 34.62 1.94 0.09
N ALA A 71 33.85 1.81 -1.00
CA ALA A 71 32.58 2.52 -1.09
C ALA A 71 31.58 2.01 -0.05
N LEU A 72 31.58 0.68 0.16
CA LEU A 72 30.68 0.13 1.15
C LEU A 72 31.07 0.55 2.55
N GLN A 73 32.38 0.55 2.85
N GLN A 73 32.37 0.55 2.85
CA GLN A 73 32.83 0.97 4.18
CA GLN A 73 32.80 0.98 4.19
C GLN A 73 32.39 2.40 4.44
C GLN A 73 32.37 2.41 4.44
N ARG A 74 32.57 3.28 3.43
CA ARG A 74 32.18 4.67 3.64
CA ARG A 74 32.17 4.66 3.57
C ARG A 74 30.66 4.77 3.77
N LEU A 75 29.89 3.96 3.04
CA LEU A 75 28.42 4.00 3.12
C LEU A 75 27.94 3.69 4.55
N PHE A 76 28.51 2.63 5.14
CA PHE A 76 28.06 2.22 6.48
C PHE A 76 28.54 3.19 7.56
N LYS A 77 29.58 3.98 7.28
CA LYS A 77 29.95 5.05 8.21
C LYS A 77 29.05 6.27 8.04
N LYS A 78 28.55 6.51 6.84
CA LYS A 78 27.77 7.71 6.58
C LYS A 78 26.32 7.58 7.01
N TYR A 79 25.76 6.36 6.98
CA TYR A 79 24.36 6.13 7.35
C TYR A 79 24.35 5.13 8.49
N SER A 80 23.31 5.23 9.34
CA SER A 80 23.12 4.28 10.42
CA SER A 80 23.12 4.29 10.43
C SER A 80 22.00 3.30 10.06
N PHE A 81 22.36 2.07 9.71
CA PHE A 81 21.36 1.12 9.24
C PHE A 81 20.89 0.22 10.37
N MET A 82 19.63 -0.12 10.39
CA MET A 82 18.98 -1.13 11.23
CA MET A 82 19.30 -1.19 11.30
C MET A 82 19.08 -2.52 10.58
N ALA A 83 19.03 -2.54 9.23
CA ALA A 83 18.86 -3.79 8.48
C ALA A 83 19.19 -3.49 7.04
N VAL A 84 19.42 -4.59 6.30
CA VAL A 84 19.70 -4.56 4.89
C VAL A 84 18.76 -5.50 4.16
N ILE A 85 18.20 -5.06 3.03
CA ILE A 85 17.46 -5.90 2.10
C ILE A 85 18.32 -6.02 0.84
N HIS A 86 18.73 -7.22 0.49
CA HIS A 86 19.77 -7.39 -0.51
C HIS A 86 19.23 -7.95 -1.83
N PHE A 87 19.08 -7.06 -2.83
CA PHE A 87 18.70 -7.42 -4.20
C PHE A 87 19.83 -7.32 -5.19
N ALA A 88 20.94 -6.62 -4.89
CA ALA A 88 21.95 -6.36 -5.92
C ALA A 88 22.57 -7.67 -6.38
N GLY A 89 22.56 -7.93 -7.65
CA GLY A 89 23.06 -9.16 -8.17
C GLY A 89 22.75 -9.24 -9.64
N LEU A 90 23.28 -10.29 -10.26
CA LEU A 90 22.95 -10.70 -11.62
C LEU A 90 21.95 -11.84 -11.54
N LYS A 91 20.94 -11.84 -12.42
CA LYS A 91 19.82 -12.76 -12.17
CA LYS A 91 19.82 -12.74 -12.18
CA LYS A 91 19.80 -12.71 -12.18
C LYS A 91 19.24 -13.42 -13.41
N ALA A 92 19.89 -13.29 -14.58
CA ALA A 92 19.33 -13.93 -15.79
C ALA A 92 19.89 -15.34 -15.89
N VAL A 93 19.02 -16.32 -15.77
CA VAL A 93 19.41 -17.70 -15.72
C VAL A 93 20.18 -18.06 -17.00
N GLY A 94 19.67 -17.66 -18.18
CA GLY A 94 20.36 -18.04 -19.40
C GLY A 94 21.72 -17.36 -19.57
N GLU A 95 21.85 -16.13 -19.07
CA GLU A 95 23.12 -15.43 -19.12
C GLU A 95 24.15 -16.15 -18.25
N SER A 96 23.70 -16.67 -17.10
CA SER A 96 24.63 -17.29 -16.15
C SER A 96 25.33 -18.52 -16.75
N VAL A 97 24.66 -19.22 -17.67
CA VAL A 97 25.27 -20.36 -18.33
C VAL A 97 26.43 -19.92 -19.21
N GLN A 98 26.30 -18.76 -19.87
CA GLN A 98 27.29 -18.23 -20.82
CA GLN A 98 27.32 -18.30 -20.79
C GLN A 98 28.44 -17.55 -20.08
N LYS A 99 28.13 -16.88 -18.94
CA LYS A 99 29.11 -16.02 -18.24
C LYS A 99 29.10 -16.35 -16.75
N PRO A 100 29.42 -17.60 -16.41
CA PRO A 100 29.31 -17.99 -15.01
C PRO A 100 30.21 -17.20 -14.07
N LEU A 101 31.43 -16.85 -14.52
CA LEU A 101 32.31 -16.19 -13.57
C LEU A 101 31.76 -14.81 -13.18
N ASP A 102 31.08 -14.10 -14.10
CA ASP A 102 30.48 -12.82 -13.75
C ASP A 102 29.43 -13.00 -12.66
N TYR A 103 28.63 -14.06 -12.76
CA TYR A 103 27.59 -14.35 -11.77
C TYR A 103 28.21 -14.67 -10.43
N TYR A 104 29.26 -15.52 -10.41
CA TYR A 104 29.88 -15.85 -9.14
C TYR A 104 30.55 -14.61 -8.54
N ARG A 105 31.22 -13.82 -9.37
CA ARG A 105 31.86 -12.64 -8.81
CA ARG A 105 31.87 -12.59 -8.87
C ARG A 105 30.86 -11.65 -8.23
N VAL A 106 29.85 -11.22 -9.00
CA VAL A 106 28.93 -10.22 -8.46
C VAL A 106 28.15 -10.80 -7.30
N ASN A 107 27.60 -12.00 -7.47
CA ASN A 107 26.67 -12.50 -6.46
C ASN A 107 27.41 -12.98 -5.23
N LEU A 108 28.50 -13.78 -5.40
CA LEU A 108 29.20 -14.29 -4.21
C LEU A 108 30.10 -13.23 -3.59
N THR A 109 31.02 -12.64 -4.37
CA THR A 109 31.92 -11.72 -3.70
CA THR A 109 31.94 -11.67 -3.77
C THR A 109 31.18 -10.46 -3.27
N GLY A 110 30.14 -10.01 -4.02
CA GLY A 110 29.36 -8.88 -3.55
C GLY A 110 28.67 -9.16 -2.24
N THR A 111 28.07 -10.36 -2.12
CA THR A 111 27.37 -10.68 -0.88
C THR A 111 28.35 -10.87 0.28
N ILE A 112 29.49 -11.52 0.05
CA ILE A 112 30.45 -11.71 1.12
C ILE A 112 30.94 -10.34 1.62
N GLN A 113 31.27 -9.46 0.69
CA GLN A 113 31.71 -8.12 1.12
C GLN A 113 30.63 -7.38 1.88
N LEU A 114 29.36 -7.49 1.44
CA LEU A 114 28.26 -6.89 2.20
C LEU A 114 28.18 -7.46 3.61
N LEU A 115 28.21 -8.78 3.75
CA LEU A 115 28.11 -9.37 5.08
C LEU A 115 29.27 -8.93 5.96
N GLU A 116 30.49 -8.87 5.41
CA GLU A 116 31.61 -8.47 6.23
C GLU A 116 31.48 -7.02 6.68
N ILE A 117 31.02 -6.12 5.81
CA ILE A 117 30.87 -4.73 6.23
C ILE A 117 29.70 -4.56 7.20
N MET A 118 28.60 -5.29 7.00
CA MET A 118 27.53 -5.32 7.98
C MET A 118 28.08 -5.70 9.35
N LYS A 119 28.83 -6.80 9.41
CA LYS A 119 29.44 -7.22 10.68
C LYS A 119 30.32 -6.12 11.28
N ALA A 120 31.15 -5.50 10.46
CA ALA A 120 32.09 -4.48 10.92
C ALA A 120 31.36 -3.27 11.45
N HIS A 121 30.08 -3.05 11.16
CA HIS A 121 29.35 -1.88 11.62
C HIS A 121 28.20 -2.30 12.54
N GLY A 122 28.17 -3.55 12.94
CA GLY A 122 27.16 -4.01 13.89
C GLY A 122 25.75 -4.09 13.33
N VAL A 123 25.59 -4.22 12.00
CA VAL A 123 24.28 -4.31 11.36
C VAL A 123 24.09 -5.78 11.08
N LYS A 124 23.28 -6.49 11.86
CA LYS A 124 23.27 -7.95 11.83
C LYS A 124 21.87 -8.45 11.55
N ASN A 125 21.15 -7.73 10.69
CA ASN A 125 19.77 -8.02 10.32
C ASN A 125 19.67 -7.91 8.79
N LEU A 126 19.33 -9.05 8.18
CA LEU A 126 19.36 -9.18 6.74
C LEU A 126 18.09 -9.81 6.19
N VAL A 127 17.55 -9.24 5.10
CA VAL A 127 16.59 -9.95 4.25
C VAL A 127 17.31 -10.26 2.96
N PHE A 128 17.49 -11.54 2.64
CA PHE A 128 18.13 -11.93 1.39
C PHE A 128 17.06 -12.35 0.41
N SER A 129 17.04 -11.76 -0.77
CA SER A 129 16.10 -12.10 -1.82
C SER A 129 16.65 -13.29 -2.59
N SER A 130 16.25 -14.50 -2.23
CA SER A 130 16.75 -15.74 -2.82
C SER A 130 15.91 -16.17 -4.00
N SER A 131 16.04 -17.40 -4.42
CA SER A 131 15.34 -17.94 -5.56
C SER A 131 14.90 -19.35 -5.24
N ALA A 132 13.64 -19.69 -5.61
CA ALA A 132 13.17 -21.05 -5.42
C ALA A 132 13.81 -22.02 -6.41
N THR A 133 14.63 -21.54 -7.33
CA THR A 133 15.42 -22.45 -8.14
C THR A 133 16.45 -23.21 -7.29
N VAL A 134 16.70 -22.80 -6.05
CA VAL A 134 17.63 -23.56 -5.23
C VAL A 134 17.11 -24.96 -4.89
N TYR A 135 15.79 -25.18 -5.02
CA TYR A 135 15.24 -26.52 -4.80
C TYR A 135 15.64 -27.49 -5.91
N GLY A 136 16.14 -26.99 -7.03
CA GLY A 136 16.38 -27.87 -8.16
C GLY A 136 15.08 -28.37 -8.79
N ASN A 137 15.17 -29.42 -9.59
CA ASN A 137 13.97 -29.97 -10.20
C ASN A 137 13.08 -30.58 -9.12
N PRO A 138 11.78 -30.28 -9.10
CA PRO A 138 10.92 -30.77 -8.02
C PRO A 138 10.92 -32.28 -7.89
N GLN A 139 10.99 -32.70 -6.64
CA GLN A 139 10.84 -34.13 -6.32
C GLN A 139 9.43 -34.39 -5.83
N TYR A 140 8.72 -33.36 -5.39
CA TYR A 140 7.31 -33.40 -4.98
C TYR A 140 6.79 -31.98 -5.16
N LEU A 141 5.47 -31.82 -5.17
CA LEU A 141 4.88 -30.50 -5.38
C LEU A 141 3.70 -30.34 -4.45
N PRO A 142 3.36 -29.13 -4.02
CA PRO A 142 4.18 -27.92 -4.16
C PRO A 142 5.48 -28.02 -3.37
N LEU A 143 6.49 -27.24 -3.78
CA LEU A 143 7.76 -27.22 -3.06
C LEU A 143 7.58 -26.55 -1.71
N ASP A 144 7.93 -27.21 -0.62
CA ASP A 144 7.92 -26.58 0.70
C ASP A 144 9.37 -26.44 1.19
N GLU A 145 9.51 -25.82 2.37
CA GLU A 145 10.86 -25.50 2.84
C GLU A 145 11.62 -26.73 3.31
N ALA A 146 10.98 -27.89 3.40
CA ALA A 146 11.66 -29.14 3.73
C ALA A 146 12.23 -29.79 2.48
N HIS A 147 11.89 -29.31 1.28
CA HIS A 147 12.34 -29.98 0.07
C HIS A 147 13.87 -29.88 -0.04
N PRO A 148 14.56 -30.89 -0.61
CA PRO A 148 16.00 -30.79 -0.80
C PRO A 148 16.38 -29.54 -1.58
N THR A 149 17.57 -29.00 -1.22
CA THR A 149 18.13 -27.87 -1.95
C THR A 149 19.55 -28.20 -2.38
N GLY A 150 20.00 -27.47 -3.38
N GLY A 150 19.95 -27.57 -3.49
CA GLY A 150 21.37 -27.59 -3.84
CA GLY A 150 21.24 -27.74 -4.12
C GLY A 150 21.52 -28.37 -5.14
C GLY A 150 21.19 -28.70 -5.31
N GLY A 151 20.46 -29.02 -5.63
N GLY A 151 19.98 -28.96 -5.80
CA GLY A 151 20.54 -29.69 -6.92
CA GLY A 151 19.91 -29.87 -6.95
C GLY A 151 20.43 -28.74 -8.13
C GLY A 151 20.24 -29.14 -8.24
N CYS A 152 21.23 -27.65 -8.16
N CYS A 152 20.15 -27.81 -8.20
CA CYS A 152 20.86 -26.58 -9.08
CA CYS A 152 20.15 -27.02 -9.41
C CYS A 152 21.36 -26.86 -10.48
C CYS A 152 21.51 -27.05 -10.10
N THR A 153 20.64 -26.32 -11.48
N THR A 153 21.52 -27.08 -11.43
CA THR A 153 20.89 -26.73 -12.84
CA THR A 153 22.79 -27.15 -12.15
C THR A 153 21.62 -25.66 -13.66
C THR A 153 23.09 -25.83 -12.87
N ASN A 154 21.94 -24.49 -13.08
N ASN A 154 22.21 -24.83 -12.83
CA ASN A 154 22.66 -23.45 -13.78
CA ASN A 154 22.57 -23.61 -13.56
C ASN A 154 23.39 -22.64 -12.72
C ASN A 154 23.40 -22.67 -12.68
N PRO A 155 24.36 -21.87 -13.20
CA PRO A 155 25.20 -21.10 -12.29
C PRO A 155 24.47 -20.03 -11.49
N TYR A 156 23.44 -19.43 -12.03
CA TYR A 156 22.65 -18.48 -11.25
C TYR A 156 22.10 -19.17 -10.01
N GLY A 157 21.37 -20.27 -10.21
CA GLY A 157 20.76 -20.97 -9.08
C GLY A 157 21.80 -21.45 -8.06
N LYS A 158 22.94 -21.96 -8.57
CA LYS A 158 24.02 -22.34 -7.69
C LYS A 158 24.48 -21.16 -6.85
N SER A 159 24.62 -19.99 -7.48
CA SER A 159 25.11 -18.84 -6.74
C SER A 159 24.14 -18.46 -5.62
N LYS A 160 22.83 -18.56 -5.88
CA LYS A 160 21.84 -18.22 -4.87
C LYS A 160 21.91 -19.23 -3.71
N PHE A 161 22.03 -20.51 -4.03
CA PHE A 161 22.16 -21.55 -3.02
C PHE A 161 23.42 -21.36 -2.20
N PHE A 162 24.54 -21.04 -2.86
CA PHE A 162 25.81 -20.84 -2.12
C PHE A 162 25.67 -19.65 -1.17
N ILE A 163 25.02 -18.58 -1.60
CA ILE A 163 24.80 -17.45 -0.69
C ILE A 163 23.95 -17.88 0.49
N GLU A 164 22.84 -18.60 0.24
CA GLU A 164 22.05 -19.08 1.38
C GLU A 164 22.91 -19.85 2.38
N GLU A 165 23.76 -20.74 1.87
CA GLU A 165 24.60 -21.57 2.75
C GLU A 165 25.58 -20.70 3.54
N MET A 166 26.15 -19.68 2.92
CA MET A 166 27.06 -18.78 3.64
C MET A 166 26.34 -18.04 4.76
N ILE A 167 25.10 -17.58 4.48
CA ILE A 167 24.33 -16.89 5.51
C ILE A 167 23.94 -17.86 6.62
N ARG A 168 23.55 -19.08 6.28
CA ARG A 168 23.23 -20.05 7.31
C ARG A 168 24.44 -20.31 8.20
N ASP A 169 25.63 -20.40 7.62
CA ASP A 169 26.83 -20.64 8.41
C ASP A 169 27.21 -19.45 9.25
N LEU A 170 27.00 -18.22 8.76
CA LEU A 170 27.20 -17.02 9.57
C LEU A 170 26.27 -17.04 10.77
N CYS A 171 25.00 -17.38 10.57
CA CYS A 171 24.04 -17.39 11.67
C CYS A 171 24.38 -18.49 12.68
N GLN A 172 24.90 -19.63 12.22
CA GLN A 172 25.34 -20.68 13.13
C GLN A 172 26.49 -20.17 13.98
N ALA A 173 27.43 -19.44 13.38
CA ALA A 173 28.60 -18.95 14.11
C ALA A 173 28.25 -17.83 15.06
N ASP A 174 27.17 -17.08 14.79
CA ASP A 174 26.86 -15.92 15.56
C ASP A 174 25.36 -15.85 15.72
N LYS A 175 24.89 -16.28 16.90
CA LYS A 175 23.48 -16.37 17.19
C LYS A 175 22.79 -15.03 17.28
N THR A 176 23.51 -13.93 17.33
CA THR A 176 22.89 -12.61 17.38
C THR A 176 22.48 -12.12 15.99
N TRP A 177 22.92 -12.77 14.90
CA TRP A 177 22.43 -12.41 13.57
C TRP A 177 20.98 -12.84 13.42
N ASN A 178 20.23 -12.03 12.66
CA ASN A 178 18.89 -12.41 12.21
C ASN A 178 18.92 -12.30 10.68
N ALA A 179 18.43 -13.31 10.01
CA ALA A 179 18.43 -13.30 8.55
C ALA A 179 17.21 -14.03 8.06
N VAL A 180 16.46 -13.45 7.12
CA VAL A 180 15.34 -14.14 6.49
C VAL A 180 15.69 -14.35 5.03
N LEU A 181 15.68 -15.58 4.58
CA LEU A 181 15.95 -15.92 3.20
C LEU A 181 14.62 -16.16 2.54
N LEU A 182 14.28 -15.40 1.50
CA LEU A 182 12.97 -15.50 0.85
C LEU A 182 13.15 -16.17 -0.51
N ARG A 183 12.47 -17.29 -0.74
CA ARG A 183 12.58 -18.05 -1.97
C ARG A 183 11.31 -17.88 -2.80
N TYR A 184 11.43 -17.55 -4.07
CA TYR A 184 10.26 -17.34 -4.92
C TYR A 184 10.73 -17.56 -6.36
N PHE A 185 9.73 -17.63 -7.23
CA PHE A 185 9.94 -17.88 -8.65
C PHE A 185 9.83 -16.58 -9.46
N ASN A 186 8.80 -16.38 -10.27
CA ASN A 186 8.85 -15.33 -11.29
C ASN A 186 8.03 -14.13 -10.89
N PRO A 187 8.64 -12.95 -10.62
CA PRO A 187 7.87 -11.74 -10.35
C PRO A 187 7.23 -11.23 -11.62
N THR A 188 5.98 -10.80 -11.52
CA THR A 188 5.33 -10.19 -12.69
C THR A 188 4.36 -9.11 -12.20
N GLY A 189 3.65 -8.50 -13.13
CA GLY A 189 2.81 -7.38 -12.80
C GLY A 189 3.62 -6.12 -12.55
N ALA A 190 2.96 -5.14 -11.91
CA ALA A 190 3.56 -3.83 -11.69
C ALA A 190 2.71 -3.11 -10.66
N HIS A 191 3.30 -2.11 -10.00
CA HIS A 191 2.53 -1.22 -9.14
C HIS A 191 1.26 -0.75 -9.85
N ALA A 192 0.16 -0.68 -9.10
CA ALA A 192 -1.14 -0.45 -9.72
C ALA A 192 -1.28 0.96 -10.27
N SER A 193 -0.37 1.89 -9.97
CA SER A 193 -0.37 3.21 -10.59
C SER A 193 -0.07 3.09 -12.09
N GLY A 194 0.65 2.01 -12.51
CA GLY A 194 1.15 1.94 -13.85
C GLY A 194 2.45 2.72 -14.06
N CYS A 195 2.96 3.37 -13.00
CA CYS A 195 4.07 4.30 -13.18
C CYS A 195 5.44 3.65 -13.04
N ILE A 196 5.53 2.49 -12.37
CA ILE A 196 6.74 1.70 -12.28
C ILE A 196 6.39 0.27 -12.64
N GLY A 197 7.43 -0.49 -13.01
CA GLY A 197 7.26 -1.87 -13.48
C GLY A 197 8.63 -2.37 -13.86
N GLU A 198 8.66 -3.47 -14.62
CA GLU A 198 9.92 -4.05 -15.06
C GLU A 198 10.30 -3.42 -16.38
N ASP A 199 11.50 -2.84 -16.42
CA ASP A 199 12.01 -2.34 -17.68
C ASP A 199 12.25 -3.48 -18.64
N PRO A 200 12.41 -3.16 -19.96
CA PRO A 200 12.74 -4.20 -20.92
C PRO A 200 14.04 -4.93 -20.57
N GLN A 201 14.03 -6.26 -20.54
CA GLN A 201 15.15 -7.06 -20.09
C GLN A 201 15.85 -7.68 -21.29
N GLY A 202 17.16 -7.91 -21.15
CA GLY A 202 17.92 -8.58 -22.20
C GLY A 202 17.59 -10.08 -22.31
N ILE A 203 17.60 -10.76 -21.17
CA ILE A 203 17.45 -12.22 -21.16
C ILE A 203 16.45 -12.60 -20.08
N PRO A 204 15.14 -12.51 -20.38
CA PRO A 204 14.10 -12.79 -19.38
C PRO A 204 14.14 -14.22 -18.86
N ASN A 205 13.70 -14.37 -17.63
CA ASN A 205 13.59 -15.66 -16.99
C ASN A 205 12.22 -16.33 -17.16
N ASN A 206 11.24 -15.58 -17.65
CA ASN A 206 9.90 -16.14 -17.77
C ASN A 206 9.27 -15.54 -19.01
N LEU A 207 8.13 -16.08 -19.44
CA LEU A 207 7.54 -15.73 -20.72
C LEU A 207 6.71 -14.46 -20.68
N MET A 208 6.37 -13.90 -19.53
CA MET A 208 5.38 -12.83 -19.44
CA MET A 208 5.37 -12.83 -19.50
C MET A 208 5.82 -11.57 -20.21
N PRO A 209 7.01 -11.06 -20.16
N PRO A 209 7.17 -11.20 -20.06
CA PRO A 209 7.23 -9.86 -20.96
CA PRO A 209 7.87 -10.19 -20.88
C PRO A 209 7.15 -10.14 -22.47
C PRO A 209 7.55 -10.30 -22.37
N TYR A 210 7.97 -11.18 -22.93
N TYR A 210 7.07 -11.46 -22.85
CA TYR A 210 8.00 -11.70 -24.31
CA TYR A 210 6.93 -11.69 -24.28
C TYR A 210 6.55 -11.63 -24.74
C TYR A 210 5.46 -11.67 -24.63
N VAL A 211 5.65 -12.24 -23.96
N VAL A 211 4.63 -12.25 -23.77
CA VAL A 211 4.23 -12.09 -24.15
CA VAL A 211 3.20 -12.29 -23.99
C VAL A 211 3.82 -10.60 -24.16
C VAL A 211 2.64 -10.87 -24.05
N SER A 212 4.30 -9.81 -23.19
N SER A 212 3.12 -9.96 -23.17
CA SER A 212 3.85 -8.42 -23.22
CA SER A 212 2.67 -8.58 -23.17
C SER A 212 4.39 -7.70 -24.45
C SER A 212 3.12 -7.91 -24.47
N GLN A 213 5.52 -8.17 -25.02
N GLN A 213 4.29 -8.29 -24.95
CA GLN A 213 5.97 -7.57 -26.27
CA GLN A 213 4.80 -7.64 -26.15
C GLN A 213 5.06 -7.96 -27.44
C GLN A 213 4.07 -8.13 -27.40
N VAL A 214 4.41 -9.14 -27.40
N VAL A 214 3.71 -9.43 -27.44
CA VAL A 214 3.39 -9.62 -28.33
CA VAL A 214 2.94 -9.93 -28.57
C VAL A 214 2.08 -8.80 -28.34
C VAL A 214 1.61 -9.18 -28.56
N ALA A 215 1.14 -8.93 -27.35
CA ALA A 215 -0.12 -8.19 -27.22
C ALA A 215 -0.05 -6.74 -27.69
N ILE A 216 1.09 -6.06 -27.47
CA ILE A 216 1.26 -4.68 -27.95
C ILE A 216 1.67 -4.66 -29.42
N GLY A 217 2.21 -5.75 -29.95
CA GLY A 217 2.57 -5.79 -31.37
C GLY A 217 4.07 -5.68 -31.67
N ARG A 218 4.96 -5.83 -30.67
CA ARG A 218 6.40 -5.79 -30.94
C ARG A 218 7.04 -7.17 -31.11
N ARG A 219 6.24 -8.24 -31.03
CA ARG A 219 6.65 -9.58 -31.45
C ARG A 219 5.48 -10.25 -32.16
N GLU A 220 5.74 -11.21 -33.05
CA GLU A 220 4.68 -11.84 -33.84
C GLU A 220 3.87 -12.86 -33.02
N ALA A 221 4.59 -13.80 -32.36
CA ALA A 221 3.93 -14.94 -31.77
C ALA A 221 4.83 -15.47 -30.65
N LEU A 222 4.17 -15.94 -29.60
CA LEU A 222 4.92 -16.58 -28.51
C LEU A 222 5.36 -17.99 -28.90
N ASN A 223 6.62 -18.38 -28.73
CA ASN A 223 6.99 -19.79 -28.86
C ASN A 223 6.68 -20.47 -27.53
N VAL A 224 5.98 -21.60 -27.63
CA VAL A 224 5.64 -22.43 -26.49
C VAL A 224 6.53 -23.65 -26.53
N PHE A 225 7.38 -23.81 -25.53
CA PHE A 225 8.38 -24.86 -25.58
C PHE A 225 7.80 -26.16 -25.01
N GLY A 226 7.08 -26.89 -25.85
CA GLY A 226 6.53 -28.18 -25.50
C GLY A 226 5.06 -28.09 -25.18
N ASN A 227 4.27 -29.02 -25.71
CA ASN A 227 2.89 -29.17 -25.29
C ASN A 227 2.56 -30.63 -24.92
N ASP A 228 3.58 -31.42 -24.64
CA ASP A 228 3.40 -32.85 -24.33
C ASP A 228 3.80 -33.17 -22.89
N TYR A 229 3.83 -32.16 -22.01
CA TYR A 229 4.22 -32.41 -20.61
C TYR A 229 3.08 -33.10 -19.86
N ASP A 230 3.46 -33.71 -18.73
CA ASP A 230 2.52 -34.26 -17.76
C ASP A 230 1.92 -33.11 -16.97
N THR A 231 1.05 -32.34 -17.61
CA THR A 231 0.34 -31.22 -16.99
C THR A 231 -1.08 -31.28 -17.50
N GLU A 232 -1.98 -30.53 -16.92
CA GLU A 232 -3.38 -30.52 -17.28
CA GLU A 232 -3.38 -30.53 -17.29
C GLU A 232 -3.56 -30.31 -18.78
N ASP A 233 -2.87 -29.30 -19.34
CA ASP A 233 -3.08 -28.92 -20.74
C ASP A 233 -1.87 -29.27 -21.57
N GLY A 234 -0.85 -29.88 -21.04
CA GLY A 234 0.30 -30.30 -21.81
C GLY A 234 1.41 -29.25 -21.87
N THR A 235 1.08 -27.96 -21.54
CA THR A 235 2.13 -26.94 -21.53
C THR A 235 2.67 -26.82 -20.11
N GLY A 236 3.86 -26.26 -20.01
CA GLY A 236 4.54 -26.23 -18.73
C GLY A 236 3.85 -25.30 -17.71
N VAL A 237 3.87 -25.72 -16.44
CA VAL A 237 3.29 -25.00 -15.34
C VAL A 237 4.40 -24.37 -14.51
N ARG A 238 4.28 -23.06 -14.29
CA ARG A 238 5.31 -22.31 -13.57
C ARG A 238 4.63 -21.39 -12.57
N ASP A 239 5.49 -20.76 -11.75
CA ASP A 239 5.01 -20.03 -10.59
C ASP A 239 5.28 -18.55 -10.78
N TYR A 240 4.24 -17.74 -10.71
N TYR A 240 4.23 -17.76 -10.65
CA TYR A 240 4.31 -16.30 -10.96
CA TYR A 240 4.27 -16.32 -10.86
C TYR A 240 3.70 -15.59 -9.76
C TYR A 240 3.74 -15.66 -9.62
N ILE A 241 4.40 -14.59 -9.22
CA ILE A 241 3.97 -13.83 -8.04
C ILE A 241 3.89 -12.36 -8.45
N HIS A 242 2.85 -11.67 -8.03
CA HIS A 242 2.76 -10.26 -8.33
C HIS A 242 3.87 -9.54 -7.56
N VAL A 243 4.61 -8.67 -8.25
CA VAL A 243 5.75 -7.97 -7.64
C VAL A 243 5.32 -7.15 -6.42
N VAL A 244 4.08 -6.63 -6.39
CA VAL A 244 3.67 -5.88 -5.20
C VAL A 244 3.50 -6.82 -3.99
N ASP A 245 2.89 -8.00 -4.20
CA ASP A 245 2.83 -8.98 -3.11
C ASP A 245 4.24 -9.39 -2.69
N LEU A 246 5.13 -9.60 -3.67
CA LEU A 246 6.50 -9.97 -3.38
C LEU A 246 7.19 -8.92 -2.53
N ALA A 247 7.06 -7.66 -2.92
CA ALA A 247 7.64 -6.55 -2.17
C ALA A 247 7.10 -6.52 -0.74
N LYS A 248 5.77 -6.70 -0.60
CA LYS A 248 5.19 -6.73 0.73
CA LYS A 248 5.19 -6.73 0.73
C LYS A 248 5.74 -7.89 1.56
N GLY A 249 6.05 -9.02 0.93
CA GLY A 249 6.67 -10.12 1.66
C GLY A 249 8.05 -9.79 2.19
N HIS A 250 8.80 -8.93 1.47
CA HIS A 250 10.09 -8.45 1.96
C HIS A 250 9.92 -7.56 3.20
N ILE A 251 8.83 -6.76 3.23
CA ILE A 251 8.58 -5.97 4.43
C ILE A 251 8.20 -6.87 5.60
N ALA A 252 7.40 -7.92 5.32
CA ALA A 252 7.03 -8.84 6.40
C ALA A 252 8.29 -9.51 6.94
N ALA A 253 9.24 -9.86 6.05
CA ALA A 253 10.50 -10.44 6.48
C ALA A 253 11.30 -9.45 7.34
N LEU A 254 11.33 -8.18 6.93
CA LEU A 254 12.00 -7.16 7.69
C LEU A 254 11.44 -7.04 9.10
N ARG A 255 10.11 -7.06 9.21
CA ARG A 255 9.52 -7.03 10.55
C ARG A 255 9.87 -8.27 11.35
N LYS A 256 9.96 -9.44 10.73
CA LYS A 256 10.28 -10.66 11.45
C LYS A 256 11.66 -10.58 12.12
N LEU A 257 12.58 -9.82 11.53
CA LEU A 257 13.93 -9.67 12.11
C LEU A 257 13.86 -9.06 13.51
N LYS A 258 12.89 -8.17 13.74
CA LYS A 258 12.80 -7.51 15.05
C LYS A 258 12.41 -8.50 16.14
N GLU A 259 11.87 -9.66 15.80
CA GLU A 259 11.55 -10.70 16.75
C GLU A 259 12.80 -11.47 17.18
N GLN A 260 13.98 -11.13 16.61
CA GLN A 260 15.22 -11.82 16.96
C GLN A 260 15.09 -13.27 16.56
N CYS A 261 14.69 -13.45 15.28
CA CYS A 261 14.26 -14.72 14.74
C CYS A 261 15.44 -15.63 14.35
N GLY A 262 16.71 -15.16 14.41
CA GLY A 262 17.80 -15.98 13.88
C GLY A 262 17.68 -16.19 12.35
N CYS A 263 18.11 -17.34 11.87
CA CYS A 263 18.02 -17.61 10.43
C CYS A 263 16.69 -18.28 10.15
N ARG A 264 15.91 -17.73 9.23
CA ARG A 264 14.64 -18.32 8.84
CA ARG A 264 14.59 -18.22 8.85
C ARG A 264 14.53 -18.29 7.33
N ILE A 265 13.81 -19.26 6.79
CA ILE A 265 13.67 -19.42 5.35
C ILE A 265 12.20 -19.55 5.01
N TYR A 266 11.70 -18.76 4.07
CA TYR A 266 10.30 -18.82 3.68
C TYR A 266 10.16 -18.76 2.18
N ASN A 267 9.28 -19.61 1.65
CA ASN A 267 8.80 -19.43 0.29
C ASN A 267 7.75 -18.33 0.22
N LEU A 268 7.77 -17.57 -0.87
CA LEU A 268 6.71 -16.62 -1.20
C LEU A 268 6.09 -17.01 -2.52
N GLY A 269 4.75 -16.97 -2.62
CA GLY A 269 4.06 -17.31 -3.85
C GLY A 269 2.57 -17.32 -3.58
N THR A 270 1.80 -17.55 -4.66
CA THR A 270 0.35 -17.67 -4.54
C THR A 270 -0.06 -19.07 -4.10
N GLY A 271 0.79 -20.06 -4.29
CA GLY A 271 0.44 -21.44 -3.96
C GLY A 271 -0.14 -22.22 -5.12
N THR A 272 -0.36 -21.61 -6.27
CA THR A 272 -0.91 -22.31 -7.44
C THR A 272 -0.10 -21.92 -8.64
N GLY A 273 0.35 -22.89 -9.42
CA GLY A 273 1.05 -22.63 -10.67
C GLY A 273 0.09 -22.39 -11.84
N TYR A 274 0.62 -21.79 -12.88
CA TYR A 274 -0.17 -21.45 -14.06
C TYR A 274 0.56 -21.99 -15.29
N SER A 275 -0.22 -22.59 -16.21
CA SER A 275 0.39 -23.10 -17.44
C SER A 275 0.65 -21.96 -18.44
N VAL A 276 1.41 -22.28 -19.47
CA VAL A 276 1.66 -21.29 -20.52
C VAL A 276 0.36 -20.84 -21.14
N LEU A 277 -0.54 -21.79 -21.46
CA LEU A 277 -1.80 -21.42 -22.08
C LEU A 277 -2.64 -20.58 -21.13
N GLN A 278 -2.61 -20.86 -19.82
CA GLN A 278 -3.37 -20.07 -18.87
C GLN A 278 -2.82 -18.64 -18.87
N MET A 279 -1.51 -18.44 -18.95
CA MET A 279 -0.93 -17.10 -18.98
C MET A 279 -1.36 -16.37 -20.26
N VAL A 280 -1.27 -17.03 -21.40
CA VAL A 280 -1.70 -16.43 -22.65
C VAL A 280 -3.17 -16.01 -22.53
N GLN A 281 -4.04 -16.88 -22.03
CA GLN A 281 -5.46 -16.57 -21.98
CA GLN A 281 -5.47 -16.58 -21.96
C GLN A 281 -5.69 -15.38 -21.04
N ALA A 282 -4.98 -15.34 -19.91
CA ALA A 282 -5.17 -14.26 -18.97
C ALA A 282 -4.71 -12.94 -19.58
N MET A 283 -3.62 -12.96 -20.31
CA MET A 283 -3.15 -11.73 -20.93
CA MET A 283 -3.11 -11.75 -20.95
C MET A 283 -4.04 -11.27 -22.08
N GLU A 284 -4.65 -12.21 -22.81
CA GLU A 284 -5.63 -11.85 -23.85
C GLU A 284 -6.79 -11.15 -23.16
N LYS A 285 -7.28 -11.67 -22.05
CA LYS A 285 -8.40 -11.08 -21.32
C LYS A 285 -8.04 -9.68 -20.84
N ALA A 286 -6.85 -9.50 -20.23
CA ALA A 286 -6.47 -8.21 -19.68
C ALA A 286 -6.26 -7.17 -20.76
N SER A 287 -5.65 -7.57 -21.86
CA SER A 287 -5.21 -6.61 -22.86
C SER A 287 -6.31 -6.35 -23.90
N GLY A 288 -7.24 -7.30 -24.05
CA GLY A 288 -8.22 -7.25 -25.12
C GLY A 288 -7.64 -7.58 -26.48
N LYS A 289 -6.37 -8.07 -26.55
CA LYS A 289 -5.72 -8.41 -27.80
C LYS A 289 -5.56 -9.92 -27.94
N LYS A 290 -5.54 -10.39 -29.18
CA LYS A 290 -5.20 -11.78 -29.46
C LYS A 290 -3.69 -11.92 -29.28
N ILE A 291 -3.27 -13.09 -28.77
CA ILE A 291 -1.86 -13.35 -28.55
C ILE A 291 -1.51 -14.67 -29.24
N PRO A 292 -1.12 -14.63 -30.53
CA PRO A 292 -0.79 -15.85 -31.23
C PRO A 292 0.38 -16.57 -30.56
N TYR A 293 0.42 -17.90 -30.76
CA TYR A 293 1.53 -18.70 -30.27
C TYR A 293 1.87 -19.79 -31.27
N LYS A 294 3.02 -20.40 -31.11
CA LYS A 294 3.43 -21.52 -31.93
C LYS A 294 4.05 -22.51 -30.95
N VAL A 295 3.53 -23.74 -30.95
CA VAL A 295 4.17 -24.79 -30.20
C VAL A 295 5.43 -25.30 -30.90
N VAL A 296 6.54 -25.26 -30.19
CA VAL A 296 7.81 -25.78 -30.69
C VAL A 296 8.28 -26.89 -29.74
N ALA A 297 9.40 -27.53 -30.06
CA ALA A 297 9.92 -28.60 -29.22
C ALA A 297 10.25 -28.08 -27.82
N ARG A 298 10.24 -29.00 -26.86
CA ARG A 298 10.74 -28.67 -25.53
C ARG A 298 12.18 -28.24 -25.56
N ARG A 299 12.53 -27.43 -24.54
CA ARG A 299 13.94 -27.20 -24.25
C ARG A 299 14.46 -28.32 -23.35
N GLU A 300 15.67 -28.81 -23.67
CA GLU A 300 16.28 -29.87 -22.90
C GLU A 300 16.36 -29.43 -21.44
N GLY A 301 15.92 -30.30 -20.54
CA GLY A 301 16.07 -30.00 -19.12
C GLY A 301 14.85 -29.31 -18.49
N ASP A 302 13.89 -28.81 -19.26
CA ASP A 302 12.73 -28.21 -18.60
C ASP A 302 11.83 -29.30 -18.01
N VAL A 303 11.25 -29.00 -16.86
CA VAL A 303 10.35 -29.95 -16.23
C VAL A 303 8.91 -29.54 -16.49
N ALA A 304 8.00 -30.44 -16.21
CA ALA A 304 6.61 -30.20 -16.45
C ALA A 304 6.06 -29.06 -15.58
N ALA A 305 6.35 -29.10 -14.27
CA ALA A 305 5.71 -28.17 -13.33
C ALA A 305 6.64 -27.85 -12.19
N CYS A 306 6.59 -26.58 -11.76
CA CYS A 306 7.37 -26.17 -10.63
CA CYS A 306 7.33 -26.20 -10.57
CA CYS A 306 7.36 -26.17 -10.59
C CYS A 306 6.65 -25.00 -9.94
N TYR A 307 6.24 -25.14 -8.68
CA TYR A 307 5.58 -24.06 -7.95
C TYR A 307 5.76 -24.31 -6.47
N ALA A 308 5.64 -23.25 -5.69
CA ALA A 308 6.00 -23.26 -4.28
C ALA A 308 4.77 -23.24 -3.38
N ASN A 309 4.94 -23.83 -2.18
CA ASN A 309 3.97 -23.80 -1.12
C ASN A 309 4.30 -22.62 -0.20
N PRO A 310 3.43 -21.61 -0.08
CA PRO A 310 3.68 -20.43 0.74
C PRO A 310 3.04 -20.50 2.14
N SER A 311 2.70 -21.71 2.61
CA SER A 311 1.99 -21.84 3.87
C SER A 311 2.82 -21.38 5.06
N LEU A 312 4.11 -21.72 5.09
CA LEU A 312 4.92 -21.34 6.24
C LEU A 312 4.98 -19.82 6.40
N ALA A 313 5.06 -19.08 5.27
CA ALA A 313 5.07 -17.62 5.35
C ALA A 313 3.77 -17.11 5.94
N GLN A 314 2.65 -17.73 5.60
CA GLN A 314 1.40 -17.31 6.25
C GLN A 314 1.46 -17.50 7.78
N GLU A 315 1.97 -18.65 8.19
CA GLU A 315 2.00 -18.99 9.61
C GLU A 315 2.98 -18.09 10.37
N GLU A 316 4.18 -17.84 9.81
CA GLU A 316 5.25 -17.21 10.61
C GLU A 316 5.49 -15.76 10.22
N LEU A 317 5.20 -15.36 8.97
CA LEU A 317 5.35 -13.97 8.57
C LEU A 317 4.02 -13.22 8.63
N GLY A 318 2.91 -13.94 8.76
CA GLY A 318 1.57 -13.38 8.64
C GLY A 318 1.24 -12.89 7.23
N TRP A 319 1.93 -13.43 6.21
CA TRP A 319 1.86 -12.91 4.86
C TRP A 319 1.15 -13.88 3.93
N THR A 320 0.30 -13.30 3.06
CA THR A 320 -0.25 -14.02 1.94
C THR A 320 -0.20 -13.15 0.71
N ALA A 321 -0.13 -13.77 -0.46
CA ALA A 321 -0.27 -13.09 -1.72
C ALA A 321 -1.76 -12.88 -1.98
N ALA A 322 -2.19 -11.67 -2.30
CA ALA A 322 -3.59 -11.32 -2.56
C ALA A 322 -3.90 -11.37 -4.04
N LEU A 323 -2.91 -11.14 -4.88
CA LEU A 323 -3.17 -10.76 -6.27
C LEU A 323 -2.95 -11.96 -7.18
N GLY A 324 -4.00 -12.35 -7.89
CA GLY A 324 -3.92 -13.54 -8.75
C GLY A 324 -3.53 -13.19 -10.16
N LEU A 325 -3.64 -14.19 -11.04
CA LEU A 325 -3.10 -14.11 -12.37
C LEU A 325 -3.75 -12.96 -13.16
N ASP A 326 -5.09 -12.84 -13.08
CA ASP A 326 -5.75 -11.76 -13.78
C ASP A 326 -5.23 -10.38 -13.38
N ARG A 327 -5.03 -10.17 -12.09
CA ARG A 327 -4.49 -8.91 -11.59
CA ARG A 327 -4.51 -8.89 -11.63
C ARG A 327 -3.06 -8.69 -12.08
N MET A 328 -2.23 -9.74 -12.07
CA MET A 328 -0.88 -9.65 -12.59
C MET A 328 -0.91 -9.14 -14.02
N CYS A 329 -1.81 -9.73 -14.84
CA CYS A 329 -1.87 -9.32 -16.24
C CYS A 329 -2.44 -7.91 -16.42
N GLU A 330 -3.47 -7.57 -15.67
CA GLU A 330 -4.01 -6.22 -15.74
C GLU A 330 -2.99 -5.16 -15.36
N ASP A 331 -2.22 -5.45 -14.31
CA ASP A 331 -1.24 -4.45 -13.84
C ASP A 331 -0.03 -4.40 -14.78
N LEU A 332 0.41 -5.53 -15.32
CA LEU A 332 1.47 -5.51 -16.34
C LEU A 332 1.00 -4.71 -17.55
N TRP A 333 -0.26 -4.92 -17.99
CA TRP A 333 -0.76 -4.29 -19.20
C TRP A 333 -0.81 -2.78 -18.98
N ARG A 334 -1.23 -2.34 -17.79
CA ARG A 334 -1.31 -0.91 -17.54
C ARG A 334 0.07 -0.25 -17.61
N TRP A 335 1.07 -0.90 -17.00
CA TRP A 335 2.45 -0.40 -17.07
C TRP A 335 2.92 -0.33 -18.51
N GLN A 336 2.64 -1.38 -19.27
CA GLN A 336 3.07 -1.44 -20.67
C GLN A 336 2.42 -0.35 -21.51
N LYS A 337 1.14 -0.08 -21.30
CA LYS A 337 0.40 0.94 -22.05
C LYS A 337 0.89 2.34 -21.69
N GLN A 338 1.10 2.62 -20.38
CA GLN A 338 1.57 3.92 -19.95
C GLN A 338 3.03 4.14 -20.29
N ASN A 339 3.82 3.07 -20.42
CA ASN A 339 5.28 3.14 -20.56
C ASN A 339 5.70 2.08 -21.55
N PRO A 340 5.39 2.25 -22.85
CA PRO A 340 5.58 1.14 -23.79
C PRO A 340 7.02 0.68 -23.95
N SER A 341 8.00 1.57 -23.72
CA SER A 341 9.41 1.23 -23.75
C SER A 341 10.04 1.28 -22.36
N GLY A 342 9.21 1.15 -21.32
CA GLY A 342 9.69 1.27 -19.94
C GLY A 342 10.03 2.72 -19.61
N PHE A 343 11.03 2.92 -18.75
CA PHE A 343 11.32 4.29 -18.33
C PHE A 343 11.95 5.10 -19.48
N GLY A 344 12.54 4.41 -20.47
CA GLY A 344 13.15 5.08 -21.63
C GLY A 344 12.18 5.28 -22.78
N ALA B 1 -3.85 -11.34 20.32
CA ALA B 1 -4.73 -10.34 19.67
C ALA B 1 -4.07 -9.81 18.41
N GLU B 2 -4.85 -9.81 17.32
CA GLU B 2 -4.35 -9.62 15.97
C GLU B 2 -5.41 -9.10 15.00
N LYS B 3 -6.65 -8.71 15.40
CA LYS B 3 -7.57 -8.02 14.50
C LYS B 3 -7.58 -6.52 14.82
N VAL B 4 -8.01 -5.73 13.83
CA VAL B 4 -8.21 -4.29 14.00
C VAL B 4 -9.71 -4.02 13.84
N LEU B 5 -10.38 -3.51 14.88
CA LEU B 5 -11.78 -3.14 14.72
C LEU B 5 -11.84 -1.80 13.98
N VAL B 6 -12.70 -1.71 12.99
CA VAL B 6 -12.97 -0.45 12.31
C VAL B 6 -14.45 -0.14 12.49
N THR B 7 -14.77 0.81 13.36
CA THR B 7 -16.18 1.18 13.51
C THR B 7 -16.57 2.14 12.39
N GLY B 8 -17.80 2.09 11.95
CA GLY B 8 -18.22 2.95 10.85
C GLY B 8 -17.45 2.70 9.55
N GLY B 9 -16.99 1.44 9.35
CA GLY B 9 -16.10 1.14 8.25
C GLY B 9 -16.77 1.01 6.89
N ALA B 10 -18.09 1.10 6.82
CA ALA B 10 -18.74 1.08 5.52
C ALA B 10 -18.85 2.44 4.86
N GLY B 11 -18.55 3.51 5.62
CA GLY B 11 -18.74 4.86 5.14
C GLY B 11 -17.61 5.32 4.23
N TYR B 12 -17.58 6.62 3.98
CA TYR B 12 -16.64 7.17 3.00
C TYR B 12 -15.19 6.97 3.43
N ILE B 13 -14.79 7.57 4.56
CA ILE B 13 -13.39 7.48 4.96
C ILE B 13 -13.10 6.06 5.42
N GLY B 14 -14.06 5.44 6.12
CA GLY B 14 -13.87 4.08 6.64
C GLY B 14 -13.64 3.07 5.53
N SER B 15 -14.41 3.11 4.46
CA SER B 15 -14.23 2.11 3.41
C SER B 15 -12.85 2.23 2.78
N HIS B 16 -12.38 3.49 2.59
CA HIS B 16 -11.04 3.70 2.04
C HIS B 16 -9.98 3.21 3.01
N THR B 17 -10.21 3.39 4.31
CA THR B 17 -9.29 2.93 5.34
C THR B 17 -9.26 1.42 5.44
N VAL B 18 -10.43 0.76 5.34
CA VAL B 18 -10.46 -0.69 5.31
C VAL B 18 -9.62 -1.19 4.13
N LEU B 19 -9.77 -0.57 2.96
CA LEU B 19 -8.95 -0.96 1.83
C LEU B 19 -7.47 -0.84 2.17
N GLU B 20 -7.04 0.31 2.73
CA GLU B 20 -5.63 0.49 3.03
C GLU B 20 -5.18 -0.50 4.09
N LEU B 21 -6.03 -0.82 5.09
CA LEU B 21 -5.68 -1.81 6.11
C LEU B 21 -5.40 -3.16 5.45
N LEU B 22 -6.29 -3.56 4.56
CA LEU B 22 -6.11 -4.86 3.89
C LEU B 22 -4.83 -4.88 3.08
N GLU B 23 -4.59 -3.81 2.32
CA GLU B 23 -3.39 -3.75 1.49
C GLU B 23 -2.14 -3.76 2.35
N ALA B 24 -2.21 -3.21 3.56
CA ALA B 24 -1.07 -3.13 4.46
C ALA B 24 -0.85 -4.39 5.29
N GLY B 25 -1.69 -5.40 5.08
CA GLY B 25 -1.47 -6.69 5.72
C GLY B 25 -2.17 -6.87 7.07
N TYR B 26 -3.07 -5.96 7.46
CA TYR B 26 -3.83 -6.13 8.69
C TYR B 26 -5.10 -6.93 8.43
N LEU B 27 -5.71 -7.38 9.54
CA LEU B 27 -6.93 -8.17 9.52
C LEU B 27 -8.06 -7.35 10.14
N PRO B 28 -8.86 -6.67 9.35
CA PRO B 28 -9.94 -5.84 9.87
C PRO B 28 -11.17 -6.61 10.26
N VAL B 29 -11.90 -6.09 11.25
CA VAL B 29 -13.27 -6.49 11.49
C VAL B 29 -14.04 -5.19 11.46
N VAL B 30 -15.03 -5.08 10.64
CA VAL B 30 -15.78 -3.85 10.47
C VAL B 30 -17.15 -3.97 11.08
N ILE B 31 -17.59 -2.90 11.75
CA ILE B 31 -18.98 -2.82 12.18
C ILE B 31 -19.59 -1.54 11.62
N ASP B 32 -20.87 -1.58 11.30
CA ASP B 32 -21.58 -0.42 10.79
C ASP B 32 -23.06 -0.69 10.96
N ASN B 33 -23.86 0.35 11.22
CA ASN B 33 -25.30 0.17 11.33
C ASN B 33 -26.05 0.62 10.08
N PHE B 34 -25.36 0.97 8.99
CA PHE B 34 -25.96 1.39 7.73
C PHE B 34 -26.71 2.71 7.83
N HIS B 35 -26.48 3.50 8.88
CA HIS B 35 -27.11 4.81 8.97
C HIS B 35 -26.82 5.65 7.72
N ASN B 36 -25.56 5.60 7.26
CA ASN B 36 -25.15 6.41 6.11
C ASN B 36 -24.34 5.60 5.13
N ALA B 37 -24.63 4.31 4.96
CA ALA B 37 -23.96 3.45 4.01
C ALA B 37 -25.01 2.62 3.32
N PHE B 38 -24.77 2.35 2.04
N PHE B 38 -24.71 2.26 2.08
CA PHE B 38 -25.66 1.57 1.20
CA PHE B 38 -25.66 1.59 1.20
C PHE B 38 -25.42 0.06 1.35
C PHE B 38 -25.43 0.08 1.26
N ARG B 39 -26.55 -0.67 1.40
CA ARG B 39 -26.52 -2.13 1.42
C ARG B 39 -26.14 -2.67 0.04
N GLY B 40 -25.36 -3.74 0.07
CA GLY B 40 -25.12 -4.51 -1.15
C GLY B 40 -26.16 -5.62 -1.31
N GLY B 41 -26.03 -6.37 -2.41
CA GLY B 41 -26.92 -7.50 -2.71
C GLY B 41 -26.68 -8.71 -1.83
N GLY B 42 -25.60 -8.71 -1.07
CA GLY B 42 -25.25 -9.73 -0.09
C GLY B 42 -25.13 -9.10 1.28
N SER B 43 -24.37 -9.73 2.14
CA SER B 43 -24.27 -9.23 3.52
C SER B 43 -23.50 -7.92 3.60
N LEU B 44 -22.40 -7.82 2.84
CA LEU B 44 -21.52 -6.67 2.96
C LEU B 44 -22.23 -5.42 2.47
N PRO B 45 -21.93 -4.24 3.08
CA PRO B 45 -22.22 -2.97 2.43
C PRO B 45 -21.60 -2.99 1.03
N GLU B 46 -22.24 -2.29 0.11
CA GLU B 46 -21.70 -2.28 -1.25
C GLU B 46 -20.26 -1.76 -1.29
N SER B 47 -19.95 -0.72 -0.50
CA SER B 47 -18.58 -0.22 -0.51
C SER B 47 -17.60 -1.35 -0.20
N LEU B 48 -17.89 -2.14 0.83
CA LEU B 48 -16.95 -3.15 1.28
C LEU B 48 -16.97 -4.39 0.38
N ARG B 49 -18.10 -4.68 -0.26
CA ARG B 49 -18.11 -5.72 -1.29
C ARG B 49 -17.10 -5.35 -2.37
N ARG B 50 -17.11 -4.07 -2.78
CA ARG B 50 -16.18 -3.62 -3.81
C ARG B 50 -14.74 -3.60 -3.29
N VAL B 51 -14.51 -3.19 -2.04
CA VAL B 51 -13.17 -3.25 -1.46
C VAL B 51 -12.63 -4.70 -1.51
N GLN B 52 -13.46 -5.70 -1.22
CA GLN B 52 -12.98 -7.08 -1.31
C GLN B 52 -12.52 -7.38 -2.74
N GLU B 53 -13.28 -6.95 -3.75
CA GLU B 53 -12.84 -7.20 -5.12
C GLU B 53 -11.57 -6.42 -5.45
N LEU B 54 -11.45 -5.17 -5.00
CA LEU B 54 -10.28 -4.35 -5.33
C LEU B 54 -9.01 -4.94 -4.71
N THR B 55 -9.09 -5.56 -3.53
CA THR B 55 -7.90 -5.97 -2.80
C THR B 55 -7.63 -7.47 -2.96
N GLY B 56 -8.64 -8.26 -3.35
CA GLY B 56 -8.50 -9.72 -3.33
C GLY B 56 -8.57 -10.31 -1.93
N ARG B 57 -9.01 -9.52 -0.93
CA ARG B 57 -9.03 -10.00 0.46
C ARG B 57 -10.43 -9.89 1.02
N SER B 58 -10.74 -10.75 2.00
CA SER B 58 -12.05 -10.76 2.61
CA SER B 58 -12.01 -10.85 2.70
C SER B 58 -12.12 -9.74 3.73
N VAL B 59 -13.34 -9.20 3.87
CA VAL B 59 -13.71 -8.22 4.88
C VAL B 59 -14.63 -8.93 5.88
N GLU B 60 -14.20 -9.05 7.12
CA GLU B 60 -15.11 -9.54 8.16
CA GLU B 60 -15.06 -9.53 8.20
C GLU B 60 -15.99 -8.39 8.66
N PHE B 61 -17.29 -8.61 8.68
CA PHE B 61 -18.24 -7.51 8.89
C PHE B 61 -19.38 -7.98 9.78
N GLU B 62 -19.80 -7.11 10.69
CA GLU B 62 -20.99 -7.30 11.51
C GLU B 62 -21.83 -6.03 11.40
N GLU B 63 -23.12 -6.16 11.12
CA GLU B 63 -24.06 -5.06 11.22
C GLU B 63 -24.44 -4.92 12.69
N MET B 64 -24.13 -3.77 13.29
CA MET B 64 -24.48 -3.49 14.68
C MET B 64 -24.32 -2.00 14.92
N ASP B 65 -24.90 -1.57 16.03
CA ASP B 65 -24.88 -0.17 16.44
C ASP B 65 -23.98 -0.04 17.64
N ILE B 66 -23.03 0.92 17.61
CA ILE B 66 -22.14 1.04 18.75
CA ILE B 66 -22.13 1.23 18.69
C ILE B 66 -22.88 1.52 20.01
N LEU B 67 -24.11 1.97 19.89
CA LEU B 67 -24.91 2.33 21.09
C LEU B 67 -25.43 1.08 21.80
N ASP B 68 -25.36 -0.09 21.17
CA ASP B 68 -25.91 -1.29 21.78
CA ASP B 68 -25.93 -1.32 21.74
C ASP B 68 -24.83 -1.99 22.60
N GLN B 69 -24.88 -1.80 23.94
CA GLN B 69 -23.87 -2.34 24.81
C GLN B 69 -23.69 -3.86 24.70
N GLY B 70 -24.79 -4.58 24.63
CA GLY B 70 -24.66 -6.04 24.63
C GLY B 70 -23.99 -6.53 23.35
N ALA B 71 -24.28 -5.85 22.23
CA ALA B 71 -23.65 -6.24 20.95
C ALA B 71 -22.16 -5.93 21.00
N LEU B 72 -21.82 -4.80 21.59
CA LEU B 72 -20.43 -4.42 21.66
C LEU B 72 -19.64 -5.34 22.59
N GLN B 73 -20.26 -5.69 23.74
CA GLN B 73 -19.61 -6.64 24.62
C GLN B 73 -19.36 -7.99 23.93
N ARG B 74 -20.37 -8.49 23.21
CA ARG B 74 -20.23 -9.77 22.53
C ARG B 74 -19.15 -9.70 21.45
N LEU B 75 -19.05 -8.54 20.76
CA LEU B 75 -18.06 -8.38 19.69
C LEU B 75 -16.65 -8.53 20.25
N PHE B 76 -16.38 -7.84 21.38
CA PHE B 76 -15.05 -7.87 21.97
C PHE B 76 -14.72 -9.23 22.62
N LYS B 77 -15.74 -10.00 22.98
CA LYS B 77 -15.49 -11.36 23.46
C LYS B 77 -15.21 -12.28 22.28
N LYS B 78 -15.87 -12.05 21.13
CA LYS B 78 -15.71 -12.97 20.01
C LYS B 78 -14.36 -12.79 19.31
N TYR B 79 -13.90 -11.53 19.14
CA TYR B 79 -12.68 -11.26 18.38
C TYR B 79 -11.59 -10.81 19.36
N SER B 80 -10.34 -11.05 19.01
CA SER B 80 -9.25 -10.54 19.83
CA SER B 80 -9.21 -10.59 19.79
C SER B 80 -8.64 -9.34 19.13
N PHE B 81 -9.07 -8.14 19.58
CA PHE B 81 -8.64 -6.90 18.91
C PHE B 81 -7.33 -6.43 19.52
N MET B 82 -6.42 -5.98 18.67
CA MET B 82 -5.26 -5.31 19.19
C MET B 82 -5.40 -3.78 19.16
N ALA B 83 -6.32 -3.25 18.36
CA ALA B 83 -6.52 -1.81 18.22
C ALA B 83 -7.88 -1.59 17.61
N VAL B 84 -8.37 -0.33 17.75
CA VAL B 84 -9.62 0.12 17.21
C VAL B 84 -9.40 1.43 16.44
N ILE B 85 -9.98 1.53 15.25
CA ILE B 85 -10.04 2.77 14.49
C ILE B 85 -11.51 3.17 14.44
N HIS B 86 -11.80 4.37 15.01
CA HIS B 86 -13.19 4.75 15.29
C HIS B 86 -13.69 5.84 14.34
N PHE B 87 -14.52 5.43 13.38
CA PHE B 87 -15.18 6.33 12.47
C PHE B 87 -16.69 6.45 12.72
N ALA B 88 -17.32 5.55 13.50
CA ALA B 88 -18.77 5.53 13.59
C ALA B 88 -19.21 6.81 14.26
N GLY B 89 -20.10 7.54 13.63
CA GLY B 89 -20.52 8.82 14.15
C GLY B 89 -21.43 9.50 13.14
N LEU B 90 -22.00 10.63 13.56
CA LEU B 90 -22.78 11.52 12.71
C LEU B 90 -21.90 12.74 12.43
N LYS B 91 -21.98 13.29 11.21
CA LYS B 91 -20.97 14.27 10.82
CA LYS B 91 -20.97 14.26 10.82
C LYS B 91 -21.52 15.40 9.97
N ALA B 92 -22.83 15.56 9.84
CA ALA B 92 -23.38 16.65 9.03
C ALA B 92 -23.56 17.91 9.90
N VAL B 93 -22.81 18.97 9.62
CA VAL B 93 -22.84 20.14 10.49
C VAL B 93 -24.21 20.78 10.59
N GLY B 94 -24.89 20.95 9.46
CA GLY B 94 -26.17 21.64 9.53
C GLY B 94 -27.21 20.80 10.27
N GLU B 95 -27.14 19.48 10.09
CA GLU B 95 -28.03 18.59 10.81
C GLU B 95 -27.74 18.68 12.33
N SER B 96 -26.46 18.81 12.69
CA SER B 96 -26.08 18.86 14.10
C SER B 96 -26.72 20.05 14.81
N VAL B 97 -26.89 21.17 14.12
CA VAL B 97 -27.48 22.37 14.75
C VAL B 97 -28.95 22.11 15.01
N GLN B 98 -29.62 21.37 14.11
CA GLN B 98 -31.03 21.05 14.25
C GLN B 98 -31.31 19.91 15.20
N LYS B 99 -30.38 18.95 15.31
CA LYS B 99 -30.57 17.72 16.04
C LYS B 99 -29.40 17.47 16.98
N PRO B 100 -29.13 18.42 17.91
CA PRO B 100 -27.94 18.25 18.74
C PRO B 100 -27.98 16.98 19.56
N LEU B 101 -29.14 16.62 20.12
CA LEU B 101 -29.16 15.45 21.01
C LEU B 101 -28.77 14.18 20.25
N ASP B 102 -29.12 14.06 18.97
CA ASP B 102 -28.73 12.88 18.21
C ASP B 102 -27.22 12.83 18.04
N TYR B 103 -26.60 13.99 17.80
CA TYR B 103 -25.14 14.06 17.66
C TYR B 103 -24.46 13.72 18.97
N TYR B 104 -24.94 14.29 20.11
CA TYR B 104 -24.34 13.98 21.39
C TYR B 104 -24.55 12.51 21.73
N ARG B 105 -25.74 11.97 21.47
CA ARG B 105 -25.95 10.55 21.74
C ARG B 105 -25.01 9.67 20.92
N VAL B 106 -25.04 9.80 19.58
CA VAL B 106 -24.23 8.84 18.80
C VAL B 106 -22.75 9.09 19.03
N ASN B 107 -22.32 10.36 18.97
CA ASN B 107 -20.90 10.62 19.00
C ASN B 107 -20.35 10.45 20.43
N LEU B 108 -20.99 11.10 21.43
CA LEU B 108 -20.47 11.06 22.80
C LEU B 108 -20.77 9.73 23.47
N THR B 109 -22.06 9.39 23.58
CA THR B 109 -22.40 8.15 24.27
CA THR B 109 -22.36 8.17 24.29
C THR B 109 -21.81 6.95 23.54
N GLY B 110 -21.81 6.98 22.17
CA GLY B 110 -21.23 5.88 21.45
C GLY B 110 -19.76 5.72 21.75
N THR B 111 -19.01 6.85 21.75
CA THR B 111 -17.59 6.77 22.01
C THR B 111 -17.31 6.34 23.45
N ILE B 112 -18.06 6.89 24.43
CA ILE B 112 -17.84 6.50 25.81
C ILE B 112 -18.03 5.00 25.98
N GLN B 113 -19.12 4.48 25.38
CA GLN B 113 -19.34 3.05 25.50
CA GLN B 113 -19.37 3.04 25.48
C GLN B 113 -18.23 2.23 24.85
N LEU B 114 -17.72 2.68 23.67
CA LEU B 114 -16.60 2.01 23.04
C LEU B 114 -15.40 2.01 23.96
N LEU B 115 -15.07 3.18 24.55
CA LEU B 115 -13.92 3.26 25.44
C LEU B 115 -14.08 2.33 26.64
N GLU B 116 -15.28 2.30 27.18
CA GLU B 116 -15.53 1.47 28.37
C GLU B 116 -15.33 -0.02 28.03
N ILE B 117 -15.79 -0.46 26.85
CA ILE B 117 -15.63 -1.87 26.50
C ILE B 117 -14.17 -2.20 26.16
N MET B 118 -13.49 -1.27 25.47
CA MET B 118 -12.08 -1.44 25.20
C MET B 118 -11.33 -1.63 26.51
N LYS B 119 -11.58 -0.75 27.49
CA LYS B 119 -10.90 -0.85 28.76
C LYS B 119 -11.19 -2.21 29.41
N ALA B 120 -12.45 -2.63 29.37
CA ALA B 120 -12.85 -3.86 30.04
C ALA B 120 -12.11 -5.05 29.44
N HIS B 121 -11.79 -4.99 28.14
CA HIS B 121 -11.16 -6.11 27.45
C HIS B 121 -9.67 -5.94 27.31
N GLY B 122 -9.08 -4.91 27.92
CA GLY B 122 -7.66 -4.64 27.84
C GLY B 122 -7.22 -4.28 26.42
N VAL B 123 -8.14 -3.67 25.62
CA VAL B 123 -7.77 -3.18 24.30
C VAL B 123 -7.61 -1.68 24.50
N LYS B 124 -6.40 -1.21 24.64
CA LYS B 124 -6.17 0.18 25.07
C LYS B 124 -5.35 0.92 24.00
N ASN B 125 -5.72 0.71 22.72
CA ASN B 125 -5.04 1.23 21.55
C ASN B 125 -6.11 1.73 20.57
N LEU B 126 -6.15 3.06 20.40
CA LEU B 126 -7.21 3.70 19.67
C LEU B 126 -6.65 4.69 18.64
N VAL B 127 -7.22 4.67 17.44
CA VAL B 127 -7.10 5.77 16.49
C VAL B 127 -8.46 6.44 16.43
N PHE B 128 -8.56 7.70 16.82
CA PHE B 128 -9.80 8.45 16.79
C PHE B 128 -9.77 9.39 15.60
N SER B 129 -10.74 9.29 14.72
CA SER B 129 -10.85 10.13 13.56
C SER B 129 -11.54 11.42 13.98
N SER B 130 -10.76 12.45 14.28
CA SER B 130 -11.24 13.71 14.82
C SER B 130 -11.50 14.68 13.69
N SER B 131 -11.63 15.96 14.01
CA SER B 131 -11.88 17.00 13.02
C SER B 131 -11.09 18.23 13.42
N ALA B 132 -10.50 18.87 12.41
CA ALA B 132 -9.80 20.11 12.69
C ALA B 132 -10.76 21.27 12.99
N THR B 133 -12.06 21.04 12.92
CA THR B 133 -13.03 22.00 13.43
CA THR B 133 -12.95 22.09 13.41
C THR B 133 -12.84 22.23 14.94
N VAL B 134 -12.16 21.32 15.64
CA VAL B 134 -11.99 21.49 17.08
C VAL B 134 -11.10 22.70 17.38
N TYR B 135 -10.33 23.22 16.42
CA TYR B 135 -9.54 24.42 16.66
C TYR B 135 -10.41 25.66 16.77
N GLY B 136 -11.68 25.57 16.38
CA GLY B 136 -12.52 26.77 16.45
C GLY B 136 -12.12 27.73 15.36
N ASN B 137 -12.53 29.00 15.52
CA ASN B 137 -12.13 29.98 14.53
C ASN B 137 -10.63 30.22 14.64
N PRO B 138 -9.87 30.21 13.52
CA PRO B 138 -8.43 30.32 13.60
C PRO B 138 -7.92 31.60 14.25
N GLN B 139 -6.94 31.45 15.10
CA GLN B 139 -6.28 32.59 15.71
C GLN B 139 -4.97 32.86 14.96
N TYR B 140 -4.43 31.90 14.21
CA TYR B 140 -3.29 32.05 13.33
C TYR B 140 -3.43 30.98 12.28
N LEU B 141 -2.73 31.10 11.17
CA LEU B 141 -2.79 30.09 10.11
C LEU B 141 -1.39 29.85 9.62
N PRO B 142 -1.03 28.64 9.18
CA PRO B 142 -1.87 27.44 9.28
C PRO B 142 -2.02 26.98 10.72
N LEU B 143 -3.10 26.22 10.97
CA LEU B 143 -3.38 25.70 12.31
C LEU B 143 -2.42 24.57 12.61
N ASP B 144 -1.66 24.62 13.70
CA ASP B 144 -0.83 23.50 14.13
C ASP B 144 -1.42 22.92 15.43
N GLU B 145 -0.76 21.89 15.95
CA GLU B 145 -1.31 21.17 17.09
C GLU B 145 -1.19 21.96 18.38
N ALA B 146 -0.43 23.05 18.40
CA ALA B 146 -0.32 23.91 19.56
C ALA B 146 -1.47 24.90 19.59
N HIS B 147 -2.25 25.04 18.51
CA HIS B 147 -3.30 26.03 18.47
C HIS B 147 -4.38 25.65 19.49
N PRO B 148 -5.02 26.62 20.16
CA PRO B 148 -6.08 26.27 21.11
C PRO B 148 -7.20 25.47 20.44
N THR B 149 -7.81 24.61 21.26
CA THR B 149 -9.01 23.88 20.86
C THR B 149 -10.18 24.27 21.76
N GLY B 150 -11.36 24.09 21.21
CA GLY B 150 -12.61 24.48 21.86
C GLY B 150 -13.17 25.75 21.21
N GLY B 151 -14.30 26.26 21.72
CA GLY B 151 -14.98 27.41 21.10
C GLY B 151 -15.51 27.05 19.72
N CYS B 152 -16.00 25.81 19.60
CA CYS B 152 -16.56 25.30 18.35
C CYS B 152 -17.90 25.99 18.14
N THR B 153 -18.30 26.07 16.87
CA THR B 153 -19.48 26.87 16.57
C THR B 153 -20.74 26.05 16.26
N ASN B 154 -20.69 24.70 16.38
CA ASN B 154 -21.86 23.88 16.13
C ASN B 154 -21.71 22.61 16.94
N PRO B 155 -22.83 21.88 17.13
CA PRO B 155 -22.79 20.70 17.98
C PRO B 155 -21.91 19.58 17.47
N TYR B 156 -21.79 19.45 16.16
CA TYR B 156 -20.85 18.45 15.62
C TYR B 156 -19.45 18.69 16.13
N GLY B 157 -18.96 19.92 15.92
CA GLY B 157 -17.60 20.28 16.31
C GLY B 157 -17.42 20.15 17.82
N LYS B 158 -18.41 20.60 18.59
CA LYS B 158 -18.35 20.44 20.03
C LYS B 158 -18.24 18.97 20.41
N SER B 159 -19.01 18.08 19.73
CA SER B 159 -18.95 16.68 20.07
C SER B 159 -17.55 16.11 19.86
N LYS B 160 -16.90 16.52 18.77
CA LYS B 160 -15.56 16.02 18.47
C LYS B 160 -14.56 16.51 19.52
N PHE B 161 -14.68 17.79 19.90
CA PHE B 161 -13.84 18.36 20.95
C PHE B 161 -14.03 17.65 22.28
N PHE B 162 -15.29 17.41 22.65
CA PHE B 162 -15.59 16.74 23.92
C PHE B 162 -14.97 15.34 23.92
N ILE B 163 -15.07 14.62 22.80
CA ILE B 163 -14.46 13.28 22.73
C ILE B 163 -12.96 13.38 22.88
N GLU B 164 -12.31 14.32 22.16
CA GLU B 164 -10.87 14.47 22.34
C GLU B 164 -10.51 14.67 23.81
N GLU B 165 -11.25 15.55 24.50
CA GLU B 165 -10.94 15.86 25.89
C GLU B 165 -11.10 14.63 26.77
N MET B 166 -12.16 13.84 26.53
CA MET B 166 -12.32 12.64 27.31
CA MET B 166 -12.36 12.60 27.27
C MET B 166 -11.17 11.66 27.09
N ILE B 167 -10.74 11.49 25.82
CA ILE B 167 -9.62 10.58 25.56
C ILE B 167 -8.35 11.08 26.21
N ARG B 168 -8.11 12.40 26.13
CA ARG B 168 -6.91 12.96 26.74
C ARG B 168 -6.92 12.70 28.25
N ASP B 169 -8.08 12.87 28.94
CA ASP B 169 -8.15 12.64 30.37
C ASP B 169 -8.00 11.16 30.68
N LEU B 170 -8.56 10.27 29.87
CA LEU B 170 -8.37 8.85 30.06
C LEU B 170 -6.87 8.50 30.02
N CYS B 171 -6.19 9.04 29.03
CA CYS B 171 -4.77 8.72 28.88
C CYS B 171 -3.94 9.31 30.02
N GLN B 172 -4.34 10.49 30.52
CA GLN B 172 -3.62 11.05 31.69
C GLN B 172 -3.82 10.14 32.90
N ALA B 173 -5.00 9.57 33.09
CA ALA B 173 -5.28 8.73 34.24
C ALA B 173 -4.63 7.37 34.11
N ASP B 174 -4.41 6.89 32.89
CA ASP B 174 -3.91 5.55 32.69
C ASP B 174 -2.87 5.60 31.59
N LYS B 175 -1.59 5.59 31.99
CA LYS B 175 -0.49 5.77 31.07
C LYS B 175 -0.28 4.55 30.17
N THR B 176 -1.00 3.46 30.38
CA THR B 176 -0.87 2.31 29.51
C THR B 176 -1.71 2.49 28.25
N TRP B 177 -2.66 3.45 28.20
CA TRP B 177 -3.38 3.71 26.97
C TRP B 177 -2.49 4.32 25.91
N ASN B 178 -2.74 3.95 24.65
CA ASN B 178 -2.17 4.63 23.49
C ASN B 178 -3.34 5.10 22.63
N ALA B 179 -3.30 6.38 22.26
CA ALA B 179 -4.41 6.89 21.45
C ALA B 179 -3.83 7.94 20.51
N VAL B 180 -4.19 7.89 19.24
CA VAL B 180 -3.80 8.89 18.26
C VAL B 180 -5.06 9.59 17.81
N LEU B 181 -5.11 10.91 18.02
CA LEU B 181 -6.23 11.71 17.57
C LEU B 181 -5.80 12.37 16.26
N LEU B 182 -6.53 12.11 15.19
CA LEU B 182 -6.19 12.67 13.88
C LEU B 182 -7.16 13.77 13.53
N ARG B 183 -6.64 14.97 13.29
CA ARG B 183 -7.48 16.12 12.99
C ARG B 183 -7.29 16.49 11.52
N TYR B 184 -8.36 16.72 10.80
CA TYR B 184 -8.28 17.05 9.39
C TYR B 184 -9.59 17.72 9.02
N PHE B 185 -9.59 18.29 7.81
CA PHE B 185 -10.73 19.02 7.30
C PHE B 185 -11.52 18.18 6.34
N ASN B 186 -11.55 18.51 5.03
CA ASN B 186 -12.53 17.92 4.11
C ASN B 186 -11.92 16.82 3.28
N PRO B 187 -12.27 15.54 3.52
CA PRO B 187 -11.83 14.46 2.64
C PRO B 187 -12.47 14.63 1.29
N THR B 188 -11.68 14.40 0.24
CA THR B 188 -12.12 14.64 -1.11
C THR B 188 -11.58 13.56 -2.03
N GLY B 189 -12.18 13.39 -3.20
CA GLY B 189 -11.67 12.40 -4.14
C GLY B 189 -12.17 11.00 -3.82
N ALA B 190 -11.47 10.01 -4.35
CA ALA B 190 -11.93 8.63 -4.31
C ALA B 190 -10.77 7.73 -4.68
N HIS B 191 -10.85 6.46 -4.28
CA HIS B 191 -9.89 5.45 -4.74
C HIS B 191 -9.74 5.54 -6.27
N ALA B 192 -8.51 5.32 -6.74
CA ALA B 192 -8.21 5.54 -8.16
C ALA B 192 -8.96 4.61 -9.10
N SER B 193 -9.52 3.50 -8.60
CA SER B 193 -10.32 2.63 -9.44
C SER B 193 -11.60 3.27 -9.91
N GLY B 194 -12.09 4.29 -9.16
CA GLY B 194 -13.41 4.85 -9.44
C GLY B 194 -14.56 3.97 -8.95
N CYS B 195 -14.23 2.89 -8.23
CA CYS B 195 -15.27 1.94 -7.83
C CYS B 195 -15.94 2.29 -6.52
N ILE B 196 -15.28 3.08 -5.67
CA ILE B 196 -15.84 3.51 -4.40
C ILE B 196 -15.59 5.00 -4.29
N GLY B 197 -16.34 5.64 -3.44
CA GLY B 197 -16.26 7.09 -3.28
C GLY B 197 -17.30 7.49 -2.27
N GLU B 198 -17.53 8.79 -2.11
CA GLU B 198 -18.50 9.33 -1.18
C GLU B 198 -19.85 9.25 -1.88
N ASP B 199 -20.84 8.69 -1.18
CA ASP B 199 -22.16 8.48 -1.76
C ASP B 199 -23.21 9.19 -0.95
N PRO B 200 -23.38 10.51 -1.08
CA PRO B 200 -24.33 11.23 -0.26
C PRO B 200 -25.75 10.78 -0.53
N GLN B 201 -26.56 10.68 0.53
CA GLN B 201 -27.97 10.37 0.36
C GLN B 201 -28.66 11.73 0.33
N GLY B 202 -29.33 12.07 -0.77
CA GLY B 202 -30.05 13.33 -0.87
C GLY B 202 -29.14 14.44 -1.37
N ILE B 203 -29.61 15.70 -1.26
CA ILE B 203 -28.86 16.83 -1.80
C ILE B 203 -27.59 16.99 -0.97
N PRO B 204 -26.37 16.94 -1.58
CA PRO B 204 -25.14 17.05 -0.81
C PRO B 204 -25.02 18.34 0.00
N ASN B 205 -24.42 18.22 1.18
CA ASN B 205 -24.22 19.34 2.09
C ASN B 205 -22.96 20.13 1.72
N ASN B 206 -21.97 19.39 1.26
CA ASN B 206 -20.62 19.90 1.14
C ASN B 206 -20.31 20.27 -0.32
N LEU B 207 -19.28 21.09 -0.49
CA LEU B 207 -18.95 21.68 -1.77
C LEU B 207 -18.68 20.60 -2.81
N MET B 208 -17.71 19.72 -2.55
CA MET B 208 -17.19 18.89 -3.63
C MET B 208 -18.20 17.87 -4.16
N PRO B 209 -18.95 17.15 -3.30
CA PRO B 209 -19.99 16.29 -3.85
C PRO B 209 -21.08 17.07 -4.59
N TYR B 210 -21.37 18.29 -4.14
N TYR B 210 -21.39 18.29 -4.12
CA TYR B 210 -22.36 19.08 -4.85
CA TYR B 210 -22.34 19.15 -4.82
C TYR B 210 -21.83 19.43 -6.23
C TYR B 210 -21.83 19.43 -6.23
N VAL B 211 -20.58 19.91 -6.31
CA VAL B 211 -19.97 20.30 -7.57
C VAL B 211 -19.93 19.11 -8.54
N SER B 212 -19.57 17.92 -8.03
CA SER B 212 -19.52 16.74 -8.87
C SER B 212 -20.92 16.44 -9.41
N GLN B 213 -21.95 16.57 -8.59
CA GLN B 213 -23.31 16.34 -9.07
C GLN B 213 -23.81 17.42 -10.02
N VAL B 214 -23.29 18.63 -9.94
CA VAL B 214 -23.59 19.64 -10.97
C VAL B 214 -22.96 19.16 -12.26
N ALA B 215 -21.70 18.74 -12.22
CA ALA B 215 -20.96 18.31 -13.41
C ALA B 215 -21.66 17.14 -14.11
N ILE B 216 -22.22 16.18 -13.37
CA ILE B 216 -22.81 14.99 -13.98
C ILE B 216 -24.21 15.31 -14.52
N GLY B 217 -24.79 16.45 -14.16
CA GLY B 217 -26.15 16.81 -14.59
C GLY B 217 -27.22 16.57 -13.52
N ARG B 218 -26.84 16.23 -12.27
CA ARG B 218 -27.80 15.89 -11.24
C ARG B 218 -28.30 17.13 -10.49
N ARG B 219 -27.60 18.28 -10.59
CA ARG B 219 -27.98 19.46 -9.81
C ARG B 219 -27.85 20.71 -10.65
N GLU B 220 -28.66 21.72 -10.33
CA GLU B 220 -28.77 22.89 -11.19
C GLU B 220 -27.46 23.70 -11.18
N ALA B 221 -27.12 24.25 -10.01
CA ALA B 221 -26.04 25.23 -9.95
C ALA B 221 -25.60 25.34 -8.50
N LEU B 222 -24.31 25.59 -8.31
CA LEU B 222 -23.79 25.65 -6.96
C LEU B 222 -24.12 26.99 -6.28
N ASN B 223 -24.40 26.97 -4.96
CA ASN B 223 -24.41 28.20 -4.19
C ASN B 223 -23.03 28.39 -3.58
N VAL B 224 -22.49 29.60 -3.78
CA VAL B 224 -21.24 30.04 -3.19
C VAL B 224 -21.60 31.00 -2.06
N PHE B 225 -21.28 30.60 -0.82
CA PHE B 225 -21.71 31.38 0.34
C PHE B 225 -20.71 32.51 0.60
N GLY B 226 -20.88 33.62 -0.12
CA GLY B 226 -20.07 34.80 0.11
C GLY B 226 -18.93 34.95 -0.89
N ASN B 227 -18.68 36.16 -1.41
CA ASN B 227 -17.51 36.43 -2.23
C ASN B 227 -16.81 37.74 -1.81
N ASP B 228 -17.07 38.17 -0.57
CA ASP B 228 -16.47 39.37 -0.02
C ASP B 228 -15.56 39.06 1.16
N TYR B 229 -15.06 37.81 1.28
CA TYR B 229 -14.11 37.51 2.36
C TYR B 229 -12.75 38.11 2.05
N ASP B 230 -11.98 38.22 3.16
CA ASP B 230 -10.61 38.64 3.10
C ASP B 230 -9.76 37.46 2.63
N THR B 231 -9.90 37.13 1.35
CA THR B 231 -9.15 36.06 0.67
C THR B 231 -8.73 36.60 -0.67
N GLU B 232 -7.86 35.91 -1.37
CA GLU B 232 -7.36 36.38 -2.66
C GLU B 232 -8.51 36.68 -3.62
N ASP B 233 -9.49 35.78 -3.75
CA ASP B 233 -10.56 35.94 -4.73
C ASP B 233 -11.90 36.26 -4.06
N GLY B 234 -11.92 36.44 -2.75
CA GLY B 234 -13.12 36.82 -2.06
C GLY B 234 -13.96 35.64 -1.58
N THR B 235 -13.76 34.41 -2.14
CA THR B 235 -14.52 33.26 -1.65
C THR B 235 -13.69 32.55 -0.58
N GLY B 236 -14.39 31.76 0.22
CA GLY B 236 -13.74 31.17 1.38
C GLY B 236 -12.67 30.15 1.00
N VAL B 237 -11.58 30.16 1.76
CA VAL B 237 -10.47 29.22 1.59
C VAL B 237 -10.60 28.12 2.64
N ARG B 238 -10.54 26.88 2.18
CA ARG B 238 -10.73 25.70 3.02
C ARG B 238 -9.70 24.66 2.64
N ASP B 239 -9.67 23.62 3.45
CA ASP B 239 -8.64 22.60 3.37
C ASP B 239 -9.25 21.28 2.93
N TYR B 240 -8.69 20.73 1.85
CA TYR B 240 -9.18 19.52 1.19
C TYR B 240 -8.03 18.52 1.17
N ILE B 241 -8.32 17.28 1.59
CA ILE B 241 -7.30 16.24 1.64
C ILE B 241 -7.82 15.03 0.86
N HIS B 242 -7.02 14.45 -0.01
CA HIS B 242 -7.51 13.28 -0.75
C HIS B 242 -7.79 12.16 0.25
N VAL B 243 -8.97 11.53 0.09
CA VAL B 243 -9.37 10.47 1.01
C VAL B 243 -8.38 9.31 1.04
N VAL B 244 -7.69 9.03 -0.06
CA VAL B 244 -6.71 7.95 -0.02
C VAL B 244 -5.52 8.30 0.85
N ASP B 245 -5.03 9.56 0.75
CA ASP B 245 -3.99 10.04 1.64
C ASP B 245 -4.46 10.02 3.10
N LEU B 246 -5.71 10.42 3.32
CA LEU B 246 -6.27 10.42 4.65
C LEU B 246 -6.30 9.01 5.22
N ALA B 247 -6.76 8.05 4.42
CA ALA B 247 -6.81 6.65 4.85
C ALA B 247 -5.42 6.16 5.21
N LYS B 248 -4.40 6.49 4.37
CA LYS B 248 -3.06 6.07 4.68
CA LYS B 248 -3.03 6.11 4.66
C LYS B 248 -2.58 6.68 6.01
N GLY B 249 -3.01 7.91 6.31
CA GLY B 249 -2.64 8.50 7.58
C GLY B 249 -3.21 7.77 8.79
N HIS B 250 -4.40 7.15 8.63
CA HIS B 250 -4.97 6.34 9.69
C HIS B 250 -4.15 5.06 9.91
N ILE B 251 -3.58 4.49 8.81
CA ILE B 251 -2.70 3.35 8.98
C ILE B 251 -1.39 3.76 9.67
N ALA B 252 -0.86 4.95 9.32
CA ALA B 252 0.34 5.42 9.99
C ALA B 252 0.09 5.60 11.48
N ALA B 253 -1.11 6.11 11.83
CA ALA B 253 -1.49 6.25 13.24
C ALA B 253 -1.53 4.90 13.92
N LEU B 254 -2.06 3.89 13.24
CA LEU B 254 -2.14 2.55 13.80
C LEU B 254 -0.73 2.06 14.09
N ARG B 255 0.23 2.30 13.16
CA ARG B 255 1.61 1.96 13.46
C ARG B 255 2.17 2.69 14.68
N LYS B 256 1.86 3.97 14.85
CA LYS B 256 2.35 4.76 15.96
C LYS B 256 1.93 4.15 17.30
N LEU B 257 0.75 3.55 17.37
CA LEU B 257 0.28 2.89 18.60
C LEU B 257 1.24 1.80 19.06
N LYS B 258 1.84 1.10 18.11
CA LYS B 258 2.73 -0.01 18.44
C LYS B 258 3.99 0.50 19.13
N GLU B 259 4.36 1.77 19.00
CA GLU B 259 5.48 2.38 19.69
C GLU B 259 5.14 2.67 21.15
N GLN B 260 3.90 2.38 21.62
CA GLN B 260 3.51 2.69 22.99
C GLN B 260 3.64 4.18 23.21
N CYS B 261 2.94 4.90 22.31
CA CYS B 261 3.10 6.34 22.15
C CYS B 261 2.33 7.16 23.19
N GLY B 262 1.44 6.55 23.99
CA GLY B 262 0.58 7.37 24.84
C GLY B 262 -0.43 8.17 24.00
N CYS B 263 -0.82 9.35 24.45
CA CYS B 263 -1.79 10.15 23.72
C CYS B 263 -1.02 11.07 22.76
N ARG B 264 -1.29 10.94 21.45
CA ARG B 264 -0.64 11.77 20.42
C ARG B 264 -1.72 12.38 19.55
N ILE B 265 -1.44 13.58 19.06
CA ILE B 265 -2.40 14.33 18.27
C ILE B 265 -1.69 14.83 17.01
N TYR B 266 -2.25 14.55 15.84
CA TYR B 266 -1.67 14.99 14.59
C TYR B 266 -2.71 15.54 13.65
N ASN B 267 -2.35 16.66 13.00
CA ASN B 267 -3.08 17.10 11.86
C ASN B 267 -2.71 16.30 10.62
N LEU B 268 -3.70 16.04 9.78
CA LEU B 268 -3.42 15.52 8.44
C LEU B 268 -3.93 16.51 7.41
N GLY B 269 -3.12 16.76 6.39
CA GLY B 269 -3.52 17.70 5.34
C GLY B 269 -2.38 17.85 4.36
N THR B 270 -2.63 18.58 3.28
CA THR B 270 -1.59 18.91 2.31
C THR B 270 -0.79 20.13 2.76
N GLY B 271 -1.35 20.97 3.61
CA GLY B 271 -0.69 22.21 4.00
C GLY B 271 -1.11 23.39 3.13
N THR B 272 -1.94 23.19 2.11
CA THR B 272 -2.35 24.32 1.26
C THR B 272 -3.88 24.33 1.18
N GLY B 273 -4.48 25.48 1.42
CA GLY B 273 -5.91 25.66 1.23
C GLY B 273 -6.24 26.14 -0.17
N TYR B 274 -7.50 25.96 -0.55
CA TYR B 274 -7.99 26.41 -1.86
C TYR B 274 -9.31 27.12 -1.65
N SER B 275 -9.56 28.15 -2.48
CA SER B 275 -10.83 28.85 -2.41
C SER B 275 -11.93 28.06 -3.13
N VAL B 276 -13.17 28.47 -2.92
CA VAL B 276 -14.29 27.81 -3.58
C VAL B 276 -14.13 27.88 -5.10
N LEU B 277 -13.72 29.05 -5.62
CA LEU B 277 -13.54 29.17 -7.05
C LEU B 277 -12.38 28.34 -7.56
N GLN B 278 -11.33 28.19 -6.76
CA GLN B 278 -10.24 27.34 -7.19
C GLN B 278 -10.73 25.88 -7.33
N MET B 279 -11.57 25.40 -6.38
CA MET B 279 -12.07 24.04 -6.46
C MET B 279 -12.99 23.88 -7.67
N VAL B 280 -13.88 24.85 -7.90
CA VAL B 280 -14.77 24.79 -9.05
C VAL B 280 -13.96 24.73 -10.35
N GLN B 281 -12.92 25.59 -10.46
CA GLN B 281 -12.09 25.62 -11.67
CA GLN B 281 -12.13 25.61 -11.69
C GLN B 281 -11.44 24.26 -11.88
N ALA B 282 -10.90 23.66 -10.81
CA ALA B 282 -10.22 22.39 -10.95
C ALA B 282 -11.23 21.28 -11.31
N MET B 283 -12.46 21.36 -10.85
CA MET B 283 -13.44 20.38 -11.23
C MET B 283 -13.91 20.56 -12.68
N GLU B 284 -13.98 21.82 -13.17
CA GLU B 284 -14.27 22.02 -14.60
C GLU B 284 -13.15 21.40 -15.41
N LYS B 285 -11.90 21.60 -14.99
CA LYS B 285 -10.77 21.02 -15.72
C LYS B 285 -10.85 19.50 -15.75
N ALA B 286 -11.17 18.87 -14.60
CA ALA B 286 -11.16 17.42 -14.55
C ALA B 286 -12.35 16.86 -15.32
N SER B 287 -13.50 17.48 -15.24
CA SER B 287 -14.71 16.90 -15.78
C SER B 287 -14.94 17.28 -17.25
N GLY B 288 -14.36 18.39 -17.68
CA GLY B 288 -14.69 18.95 -18.99
C GLY B 288 -16.07 19.58 -19.05
N LYS B 289 -16.75 19.80 -17.91
CA LYS B 289 -18.11 20.32 -17.84
C LYS B 289 -18.06 21.73 -17.27
N LYS B 290 -19.01 22.58 -17.68
CA LYS B 290 -19.26 23.83 -16.99
C LYS B 290 -19.92 23.51 -15.66
N ILE B 291 -19.52 24.29 -14.64
CA ILE B 291 -20.11 24.13 -13.33
C ILE B 291 -20.67 25.48 -12.91
N PRO B 292 -21.94 25.78 -13.27
CA PRO B 292 -22.49 27.09 -12.95
C PRO B 292 -22.60 27.27 -11.44
N TYR B 293 -22.55 28.53 -11.02
CA TYR B 293 -22.68 28.84 -9.60
C TYR B 293 -23.29 30.22 -9.46
N LYS B 294 -23.87 30.47 -8.30
CA LYS B 294 -24.32 31.81 -7.95
C LYS B 294 -23.83 32.14 -6.55
N VAL B 295 -23.38 33.39 -6.43
CA VAL B 295 -22.89 33.86 -5.15
C VAL B 295 -24.08 34.35 -4.33
N VAL B 296 -24.26 33.76 -3.14
CA VAL B 296 -25.31 34.13 -2.18
C VAL B 296 -24.64 34.68 -0.91
N ALA B 297 -25.46 35.03 0.09
CA ALA B 297 -24.96 35.62 1.33
C ALA B 297 -24.00 34.65 2.02
N ARG B 298 -23.04 35.20 2.77
CA ARG B 298 -22.25 34.40 3.69
C ARG B 298 -23.14 33.68 4.69
N ARG B 299 -22.70 32.49 5.14
CA ARG B 299 -23.36 31.83 6.25
C ARG B 299 -22.80 32.38 7.57
N GLU B 300 -23.69 32.55 8.55
CA GLU B 300 -23.31 33.10 9.84
C GLU B 300 -22.22 32.21 10.41
N GLY B 301 -21.13 32.84 10.88
CA GLY B 301 -20.11 32.07 11.58
C GLY B 301 -18.97 31.62 10.67
N ASP B 302 -19.14 31.66 9.33
CA ASP B 302 -18.07 31.20 8.45
C ASP B 302 -16.92 32.21 8.47
N VAL B 303 -15.71 31.66 8.54
CA VAL B 303 -14.51 32.50 8.53
C VAL B 303 -13.92 32.54 7.13
N ALA B 304 -13.04 33.48 6.87
CA ALA B 304 -12.45 33.67 5.57
C ALA B 304 -11.63 32.44 5.15
N ALA B 305 -10.78 31.92 6.06
CA ALA B 305 -9.84 30.88 5.69
C ALA B 305 -9.55 29.98 6.88
N CYS B 306 -9.42 28.69 6.59
CA CYS B 306 -8.95 27.75 7.59
CA CYS B 306 -9.06 27.70 7.57
CA CYS B 306 -9.01 27.70 7.59
C CYS B 306 -8.26 26.58 6.89
N TYR B 307 -7.05 26.28 7.36
CA TYR B 307 -6.26 25.16 6.81
C TYR B 307 -5.24 24.78 7.84
N ALA B 308 -4.76 23.53 7.76
CA ALA B 308 -3.94 22.92 8.77
C ALA B 308 -2.49 22.80 8.33
N ASN B 309 -1.59 22.81 9.32
CA ASN B 309 -0.17 22.53 9.19
C ASN B 309 0.07 21.05 9.45
N PRO B 310 0.51 20.24 8.45
CA PRO B 310 0.72 18.79 8.63
C PRO B 310 2.17 18.44 8.95
N SER B 311 3.00 19.42 9.37
CA SER B 311 4.43 19.17 9.55
C SER B 311 4.70 18.12 10.61
N LEU B 312 3.97 18.12 11.73
CA LEU B 312 4.27 17.17 12.77
C LEU B 312 4.03 15.73 12.28
N ALA B 313 2.91 15.49 11.58
CA ALA B 313 2.66 14.17 11.02
C ALA B 313 3.75 13.76 10.01
N GLN B 314 4.25 14.72 9.23
CA GLN B 314 5.25 14.41 8.22
C GLN B 314 6.51 13.91 8.90
N GLU B 315 6.80 14.38 10.10
CA GLU B 315 7.95 13.90 10.85
CA GLU B 315 7.95 13.90 10.86
C GLU B 315 7.63 12.60 11.60
N GLU B 316 6.63 12.64 12.51
CA GLU B 316 6.43 11.59 13.50
C GLU B 316 5.64 10.39 12.96
N LEU B 317 4.76 10.62 11.97
CA LEU B 317 4.05 9.49 11.38
C LEU B 317 4.69 9.00 10.09
N GLY B 318 5.73 9.69 9.58
CA GLY B 318 6.30 9.31 8.30
C GLY B 318 5.36 9.52 7.12
N TRP B 319 4.33 10.37 7.32
CA TRP B 319 3.21 10.48 6.40
C TRP B 319 3.28 11.79 5.63
N THR B 320 3.11 11.72 4.33
CA THR B 320 2.93 12.93 3.53
C THR B 320 1.80 12.66 2.57
N ALA B 321 0.91 13.65 2.37
CA ALA B 321 -0.09 13.55 1.33
C ALA B 321 0.60 13.60 -0.03
N ALA B 322 0.33 12.63 -0.90
CA ALA B 322 0.94 12.57 -2.22
C ALA B 322 0.05 13.13 -3.29
N LEU B 323 -1.26 13.28 -3.05
CA LEU B 323 -2.21 13.55 -4.11
C LEU B 323 -2.68 14.99 -4.04
N GLY B 324 -2.45 15.74 -5.10
CA GLY B 324 -2.79 17.16 -5.11
C GLY B 324 -4.19 17.43 -5.67
N LEU B 325 -4.46 18.71 -5.95
CA LEU B 325 -5.79 19.16 -6.30
C LEU B 325 -6.29 18.49 -7.57
N ASP B 326 -5.47 18.44 -8.62
CA ASP B 326 -5.93 17.80 -9.85
C ASP B 326 -6.29 16.34 -9.63
N ARG B 327 -5.47 15.62 -8.87
CA ARG B 327 -5.82 14.22 -8.59
C ARG B 327 -7.12 14.10 -7.79
N MET B 328 -7.32 14.96 -6.77
CA MET B 328 -8.58 14.92 -6.04
C MET B 328 -9.75 15.04 -7.00
N CYS B 329 -9.68 16.01 -7.93
CA CYS B 329 -10.80 16.28 -8.81
C CYS B 329 -10.97 15.18 -9.86
N GLU B 330 -9.86 14.73 -10.43
CA GLU B 330 -9.91 13.63 -11.39
C GLU B 330 -10.49 12.36 -10.78
N ASP B 331 -10.08 12.08 -9.55
CA ASP B 331 -10.55 10.85 -8.90
C ASP B 331 -12.01 10.97 -8.46
N LEU B 332 -12.44 12.15 -7.99
CA LEU B 332 -13.86 12.37 -7.72
C LEU B 332 -14.66 12.20 -9.01
N TRP B 333 -14.19 12.80 -10.11
CA TRP B 333 -14.93 12.74 -11.37
C TRP B 333 -15.05 11.32 -11.88
N ARG B 334 -14.00 10.55 -11.75
CA ARG B 334 -14.04 9.18 -12.23
C ARG B 334 -15.08 8.37 -11.46
N TRP B 335 -15.11 8.50 -10.11
CA TRP B 335 -16.15 7.86 -9.32
C TRP B 335 -17.54 8.31 -9.76
N GLN B 336 -17.71 9.62 -9.93
CA GLN B 336 -19.00 10.19 -10.30
C GLN B 336 -19.49 9.68 -11.66
N LYS B 337 -18.57 9.64 -12.64
CA LYS B 337 -18.94 9.31 -14.02
C LYS B 337 -19.14 7.80 -14.16
N GLN B 338 -18.35 6.99 -13.46
CA GLN B 338 -18.49 5.55 -13.47
C GLN B 338 -19.72 5.12 -12.69
N ASN B 339 -20.19 5.94 -11.74
CA ASN B 339 -21.28 5.61 -10.85
C ASN B 339 -22.20 6.82 -10.73
N PRO B 340 -22.96 7.15 -11.81
CA PRO B 340 -23.72 8.39 -11.85
C PRO B 340 -24.74 8.55 -10.73
N SER B 341 -25.27 7.43 -10.21
CA SER B 341 -26.20 7.48 -9.09
CA SER B 341 -26.22 7.42 -9.10
C SER B 341 -25.57 6.92 -7.81
N GLY B 342 -24.23 6.82 -7.79
CA GLY B 342 -23.52 6.29 -6.64
C GLY B 342 -23.62 4.77 -6.59
N PHE B 343 -23.66 4.21 -5.36
CA PHE B 343 -23.75 2.77 -5.24
C PHE B 343 -25.07 2.18 -5.76
N GLY B 344 -26.15 2.94 -5.61
CA GLY B 344 -27.48 2.45 -5.98
C GLY B 344 -28.13 3.32 -7.04
#